data_7TRS
#
_entry.id   7TRS
#
_cell.length_a   1.00
_cell.length_b   1.00
_cell.length_c   1.00
_cell.angle_alpha   90.00
_cell.angle_beta   90.00
_cell.angle_gamma   90.00
#
_symmetry.space_group_name_H-M   'P 1'
#
loop_
_entity.id
_entity.type
_entity.pdbx_description
1 polymer 'Guanine nucleotide-binding protein G(I)/G(S)/G(T) subunit beta-1'
2 polymer 'Guanine nucleotide-binding protein G(I)/G(S)/G(O) subunit gamma-2'
3 polymer 'Antibody fragment scFv16'
4 polymer 'Guanine nucleotide-binding protein G(i) subunit alpha-1'
5 polymer 'Muscarinic acetylcholine receptor M4'
6 non-polymer ACETYLCHOLINE
#
loop_
_entity_poly.entity_id
_entity_poly.type
_entity_poly.pdbx_seq_one_letter_code
_entity_poly.pdbx_strand_id
1 'polypeptide(L)'
;HHHHHHGSSGSELDQLRQEAEQLKNQIRDARKACADATLSQITNNIDPVGRIQMRTRRTLRGHLAKIYAMHWGTDSRLLV
SASQDGKLIIWDSYTTNKVHAIPLRSSWVMTCAYAPSGNYVACGGLDNICSIYNLKTREGNVRVSRELAGHTGYLSCCRF
LDDNQIVTSSGDTTCALWDIETGQQTTTFTGHTGDVMSLSLAPDTRLFVSGACDASAKLWDVREGMCRQTFTGHESDINA
ICFFPNGNAFATGSDDATCRLFDLRADQELMTYSHDNIICGITSVSFSKSGRLLLAGYDDFNCNVWDALKADRAGVLAGH
DNRVSCLGVTDDGMAVATGSWDSFLKIWN
;
B
2 'polypeptide(L)' ASNNTASIAQARKLVEQLKMEANIDRIKVSKAAADLMAYCEAHAKEDPLLTPVPASENPFREKKFFCAIL G
3 'polypeptide(L)'
;DVQLVESGGGLVQPGGSRKLSCSASGFAFSSFGMHWVRQAPEKGLEWVAYISSGSGTIYYADTVKGRFTISRDDPKNTLF
LQMTSLRSEDTAMYYCVRSIYYYGSSPFDFWGQGTTLTVSSGGGGSGGGGSGGGGSDIVMTQATSSVPVTPGESVSISCR
SSKSLLHSNGNTYLYWFLQRPGQSPQLLIYRMSNLASGVPDRFSGSGSGTAFTLTISRLEAEDVGVYYCMQHLEYPLTFG
AGTKLELK
;
H
4 'polypeptide(L)'
;MGCTLSAEDKAAVERSKMIDRNLREDGEKAAREVKLLLLGAGESGKNTIVKQMKIIHEAGYSEEECKQYKAVVYSNTIQS
IIAIIRAMGRLKIDFGDSARADDARQLFVLAGAAEEGFMTAELAGVIKRLWKDSGVQACFNRSREYQLNDSAAYYLNDLD
RIAQPNYIPTQQDVLRTRVKTTGIVETHFTFKDLHFKMFDVGAQRSERKKWIHCFEGVTAIIFCVALSDYDLVLAEDEEM
NRMHASMKLFDSICNNKWFTDTSIILFLNKKDLFEEKIKKSPLTICYPEYAGSNTYEEAAAYIQCQFEDLNKRKDTKEIY
THFTCSTDTKNVQFVFDAVTDVIIKNNLKDCGLF
;
A
5 'polypeptide(L)'
;DYKDDDDAMANFTPVNGSSGNQSVRLVTSSSHNRYETVEMVFIATVTGSLSLVTVVGNILVMLSIKVNRQLQTVNNYFLF
SLACADLIIGAFSMNLYTVYIIKGYWPLGAVVCDLWLALDYVVSNASVMNLLIISFDRYFCVTKPLTYPARRTTKMAGLM
IAAAWVLSFVLWAPAILFWQFVVGKRTVPDNQCFIQFLSNPAVTFGTAIAAFYLPVVIMTVLYIHISLASRSRVHKHRPE
GPKEKKAKTKRQMAARERKVTRTIFAILLAFILTWTPYNVMVLVNTFCQSCIPDTVWSIGYWLCYVNSTINPACYALCNA
TFKKTFRHLLLCQYRNIGTARHHHHHHHH
;
R
#
loop_
_chem_comp.id
_chem_comp.type
_chem_comp.name
_chem_comp.formula
ACH non-polymer ACETYLCHOLINE 'C7 H16 N O2 1'
#
# COMPACT_ATOMS: atom_id res chain seq x y z
N GLU A 12 -39.93 -38.08 15.55
CA GLU A 12 -40.08 -36.76 16.17
C GLU A 12 -39.29 -35.71 15.41
N LEU A 13 -38.36 -36.17 14.56
CA LEU A 13 -37.56 -35.24 13.77
C LEU A 13 -38.40 -34.58 12.68
N ASP A 14 -39.36 -35.33 12.12
CA ASP A 14 -40.23 -34.75 11.08
C ASP A 14 -41.21 -33.76 11.68
N GLN A 15 -41.66 -34.00 12.93
CA GLN A 15 -42.56 -33.08 13.59
C GLN A 15 -41.87 -31.77 13.92
N LEU A 16 -40.59 -31.84 14.31
CA LEU A 16 -39.82 -30.62 14.56
C LEU A 16 -39.59 -29.83 13.29
N ARG A 17 -39.34 -30.52 12.17
CA ARG A 17 -39.19 -29.84 10.89
C ARG A 17 -40.51 -29.21 10.44
N GLN A 18 -41.63 -29.89 10.70
CA GLN A 18 -42.94 -29.34 10.37
C GLN A 18 -43.25 -28.12 11.23
N GLU A 19 -42.88 -28.17 12.51
CA GLU A 19 -43.08 -27.01 13.39
C GLU A 19 -42.21 -25.84 12.97
N ALA A 20 -40.97 -26.13 12.54
CA ALA A 20 -40.09 -25.07 12.03
C ALA A 20 -40.63 -24.46 10.75
N GLU A 21 -41.19 -25.28 9.86
CA GLU A 21 -41.80 -24.77 8.64
C GLU A 21 -43.04 -23.94 8.95
N GLN A 22 -43.85 -24.37 9.92
CA GLN A 22 -45.03 -23.62 10.33
C GLN A 22 -44.64 -22.28 10.96
N LEU A 23 -43.57 -22.27 11.76
CA LEU A 23 -43.08 -21.02 12.31
C LEU A 23 -42.48 -20.11 11.25
N LYS A 24 -41.86 -20.69 10.22
CA LYS A 24 -41.37 -19.88 9.10
C LYS A 24 -42.52 -19.24 8.34
N ASN A 25 -43.61 -19.99 8.13
CA ASN A 25 -44.81 -19.43 7.51
C ASN A 25 -45.44 -18.35 8.37
N GLN A 26 -45.45 -18.56 9.70
CA GLN A 26 -45.98 -17.56 10.63
C GLN A 26 -45.14 -16.29 10.59
N ILE A 27 -43.82 -16.43 10.54
CA ILE A 27 -42.94 -15.27 10.44
C ILE A 27 -43.15 -14.55 9.10
N ARG A 28 -43.29 -15.31 8.01
CA ARG A 28 -43.39 -14.68 6.70
C ARG A 28 -44.73 -13.98 6.49
N ASP A 29 -45.82 -14.52 7.03
CA ASP A 29 -47.06 -13.76 6.86
C ASP A 29 -47.28 -12.74 7.98
N ALA A 30 -46.54 -12.82 9.08
CA ALA A 30 -46.50 -11.68 10.00
C ALA A 30 -45.72 -10.52 9.39
N ARG A 31 -44.65 -10.82 8.66
CA ARG A 31 -43.93 -9.78 7.91
C ARG A 31 -44.78 -9.22 6.78
N LYS A 32 -45.57 -10.10 6.13
CA LYS A 32 -46.46 -9.64 5.07
C LYS A 32 -47.60 -8.81 5.64
N ALA A 33 -48.04 -9.12 6.87
CA ALA A 33 -49.17 -8.41 7.46
C ALA A 33 -48.84 -6.96 7.77
N CYS A 34 -47.63 -6.69 8.24
CA CYS A 34 -47.25 -5.32 8.57
C CYS A 34 -46.78 -4.53 7.37
N ALA A 35 -46.66 -5.16 6.20
CA ALA A 35 -46.18 -4.49 4.98
C ALA A 35 -47.35 -3.74 4.33
N ASP A 36 -47.73 -2.63 4.96
CA ASP A 36 -48.80 -1.81 4.41
C ASP A 36 -48.34 -0.98 3.24
N ALA A 37 -47.08 -0.52 3.25
CA ALA A 37 -46.55 0.28 2.17
C ALA A 37 -45.05 0.07 2.11
N THR A 38 -44.46 0.37 0.96
CA THR A 38 -43.03 0.26 0.76
C THR A 38 -42.36 1.60 0.97
N LEU A 39 -41.03 1.57 1.03
CA LEU A 39 -40.26 2.80 1.23
C LEU A 39 -40.31 3.69 0.00
N SER A 40 -40.48 3.09 -1.18
CA SER A 40 -40.51 3.86 -2.42
C SER A 40 -41.77 4.72 -2.52
N GLN A 41 -42.88 4.26 -1.96
CA GLN A 41 -44.12 5.03 -2.08
C GLN A 41 -44.11 6.26 -1.17
N ILE A 42 -43.51 6.14 0.02
CA ILE A 42 -43.49 7.24 0.96
C ILE A 42 -42.55 8.35 0.48
N THR A 43 -41.39 7.96 -0.08
CA THR A 43 -40.39 8.93 -0.51
C THR A 43 -40.54 9.34 -1.96
N ASN A 44 -41.75 9.32 -2.50
CA ASN A 44 -41.93 9.80 -3.87
C ASN A 44 -41.91 11.30 -3.97
N ASN A 45 -42.42 12.01 -2.97
CA ASN A 45 -42.53 13.45 -3.02
C ASN A 45 -41.31 14.18 -2.47
N ILE A 46 -40.33 13.48 -1.94
CA ILE A 46 -39.15 14.15 -1.41
C ILE A 46 -38.25 14.56 -2.57
N ASP A 47 -37.44 15.57 -2.32
CA ASP A 47 -36.54 16.07 -3.34
C ASP A 47 -35.34 15.14 -3.51
N PRO A 48 -34.87 14.93 -4.73
CA PRO A 48 -33.65 14.16 -4.93
C PRO A 48 -32.43 14.94 -4.46
N VAL A 49 -31.37 14.19 -4.14
CA VAL A 49 -30.15 14.80 -3.63
C VAL A 49 -29.33 15.49 -4.71
N GLY A 50 -29.66 15.27 -5.99
CA GLY A 50 -28.87 15.84 -7.06
C GLY A 50 -27.62 15.04 -7.30
N ARG A 51 -26.78 15.58 -8.17
CA ARG A 51 -25.51 14.94 -8.50
C ARG A 51 -24.50 15.18 -7.38
N ILE A 52 -24.04 14.11 -6.76
CA ILE A 52 -23.04 14.20 -5.70
C ILE A 52 -21.68 14.08 -6.36
N GLN A 53 -20.93 15.18 -6.35
CA GLN A 53 -19.62 15.26 -6.99
C GLN A 53 -18.57 15.39 -5.89
N MET A 54 -17.80 14.34 -5.69
CA MET A 54 -16.78 14.30 -4.65
C MET A 54 -15.42 14.07 -5.29
N ARG A 55 -14.47 14.92 -4.96
CA ARG A 55 -13.13 14.86 -5.52
C ARG A 55 -12.17 14.24 -4.52
N THR A 56 -11.12 13.63 -5.04
CA THR A 56 -10.06 13.07 -4.19
C THR A 56 -9.25 14.22 -3.61
N ARG A 57 -9.32 14.39 -2.29
CA ARG A 57 -8.62 15.48 -1.64
C ARG A 57 -7.23 15.07 -1.16
N ARG A 58 -7.10 13.86 -0.63
CA ARG A 58 -5.80 13.33 -0.25
C ARG A 58 -5.63 11.94 -0.83
N THR A 59 -4.39 11.55 -1.04
CA THR A 59 -4.05 10.20 -1.48
C THR A 59 -2.94 9.69 -0.58
N LEU A 60 -3.20 8.59 0.10
CA LEU A 60 -2.28 8.06 1.09
C LEU A 60 -1.49 6.92 0.46
N ARG A 61 -0.25 7.21 0.11
CA ARG A 61 0.64 6.24 -0.51
C ARG A 61 1.67 5.77 0.51
N GLY A 62 1.93 4.48 0.54
CA GLY A 62 2.88 3.92 1.47
C GLY A 62 2.75 2.42 1.54
N HIS A 63 1.54 1.92 1.35
CA HIS A 63 1.30 0.49 1.32
C HIS A 63 1.86 -0.12 0.04
N LEU A 64 2.37 -1.34 0.15
CA LEU A 64 2.99 -2.03 -0.97
C LEU A 64 2.31 -3.35 -1.28
N ALA A 65 1.05 -3.49 -0.91
CA ALA A 65 0.24 -4.67 -1.21
C ALA A 65 -1.21 -4.23 -1.30
N LYS A 66 -2.12 -5.18 -1.38
CA LYS A 66 -3.53 -4.88 -1.49
C LYS A 66 -4.05 -4.45 -0.12
N ILE A 67 -4.67 -3.28 -0.06
CA ILE A 67 -5.25 -2.79 1.19
C ILE A 67 -6.58 -3.49 1.37
N TYR A 68 -6.73 -4.17 2.51
CA TYR A 68 -7.93 -4.97 2.75
C TYR A 68 -8.95 -4.30 3.65
N ALA A 69 -8.50 -3.51 4.63
CA ALA A 69 -9.44 -2.87 5.54
C ALA A 69 -8.84 -1.59 6.09
N MET A 70 -9.71 -0.62 6.34
CA MET A 70 -9.34 0.58 7.05
C MET A 70 -10.40 0.89 8.09
N HIS A 71 -10.03 1.68 9.08
CA HIS A 71 -10.97 2.17 10.07
C HIS A 71 -10.62 3.58 10.47
N TRP A 72 -11.62 4.45 10.47
CA TRP A 72 -11.44 5.82 10.91
C TRP A 72 -11.29 5.90 12.41
N GLY A 73 -10.68 6.98 12.87
CA GLY A 73 -10.67 7.30 14.27
C GLY A 73 -11.89 8.08 14.66
N THR A 74 -12.16 8.15 15.96
CA THR A 74 -13.29 8.93 16.43
C THR A 74 -13.01 10.43 16.45
N ASP A 75 -11.76 10.83 16.30
CA ASP A 75 -11.41 12.24 16.17
C ASP A 75 -11.56 12.73 14.73
N SER A 76 -11.95 11.85 13.81
CA SER A 76 -12.17 12.15 12.38
C SER A 76 -10.91 12.69 11.72
N ARG A 77 -9.75 12.22 12.16
CA ARG A 77 -8.50 12.66 11.56
C ARG A 77 -7.54 11.51 11.42
N LEU A 78 -7.33 10.75 12.49
CA LEU A 78 -6.49 9.58 12.40
C LEU A 78 -7.27 8.42 11.78
N LEU A 79 -6.56 7.57 11.05
CA LEU A 79 -7.17 6.37 10.50
C LEU A 79 -6.12 5.29 10.44
N VAL A 80 -6.54 4.06 10.67
CA VAL A 80 -5.65 2.91 10.57
C VAL A 80 -6.01 2.18 9.29
N SER A 81 -5.03 1.48 8.71
CA SER A 81 -5.24 0.76 7.48
C SER A 81 -4.38 -0.49 7.50
N ALA A 82 -4.91 -1.57 6.94
CA ALA A 82 -4.23 -2.85 6.91
C ALA A 82 -4.04 -3.31 5.47
N SER A 83 -2.92 -3.98 5.23
CA SER A 83 -2.65 -4.50 3.89
C SER A 83 -1.80 -5.75 4.03
N GLN A 84 -1.64 -6.45 2.91
CA GLN A 84 -1.08 -7.79 2.91
C GLN A 84 0.43 -7.83 2.99
N ASP A 85 1.10 -6.69 3.10
CA ASP A 85 2.55 -6.68 3.22
C ASP A 85 3.01 -6.83 4.66
N GLY A 86 2.08 -7.01 5.59
CA GLY A 86 2.43 -7.15 6.99
C GLY A 86 2.57 -5.85 7.73
N LYS A 87 1.96 -4.77 7.25
CA LYS A 87 2.10 -3.46 7.85
C LYS A 87 0.73 -2.89 8.21
N LEU A 88 0.60 -2.49 9.46
CA LEU A 88 -0.55 -1.73 9.92
C LEU A 88 -0.09 -0.29 10.10
N ILE A 89 -0.72 0.64 9.40
CA ILE A 89 -0.25 2.01 9.29
C ILE A 89 -1.34 2.95 9.78
N ILE A 90 -0.99 3.83 10.70
CA ILE A 90 -1.89 4.87 11.17
C ILE A 90 -1.55 6.16 10.43
N TRP A 91 -2.55 6.75 9.79
CA TRP A 91 -2.38 7.92 8.95
C TRP A 91 -2.96 9.16 9.63
N ASP A 92 -2.23 10.25 9.56
CA ASP A 92 -2.77 11.57 9.87
C ASP A 92 -3.34 12.10 8.56
N SER A 93 -4.67 12.01 8.41
CA SER A 93 -5.27 12.26 7.11
C SER A 93 -5.28 13.73 6.73
N TYR A 94 -5.05 14.63 7.68
CA TYR A 94 -5.06 16.05 7.36
C TYR A 94 -3.81 16.44 6.60
N THR A 95 -2.67 15.88 6.99
CA THR A 95 -1.39 16.22 6.38
C THR A 95 -0.74 15.06 5.65
N THR A 96 -1.43 13.93 5.50
CA THR A 96 -0.92 12.68 4.91
C THR A 96 0.36 12.19 5.59
N ASN A 97 0.47 12.40 6.89
CA ASN A 97 1.63 11.97 7.64
C ASN A 97 1.37 10.60 8.24
N LYS A 98 2.41 9.78 8.28
CA LYS A 98 2.30 8.46 8.88
C LYS A 98 2.74 8.55 10.33
N VAL A 99 1.78 8.38 11.24
CA VAL A 99 2.07 8.46 12.66
C VAL A 99 2.79 7.21 13.13
N HIS A 100 2.30 6.05 12.73
CA HIS A 100 2.86 4.78 13.17
C HIS A 100 2.87 3.80 12.01
N ALA A 101 3.78 2.83 12.09
CA ALA A 101 3.85 1.73 11.13
C ALA A 101 4.08 0.46 11.94
N ILE A 102 3.02 -0.32 12.13
CA ILE A 102 3.06 -1.50 13.00
C ILE A 102 3.41 -2.71 12.14
N PRO A 103 4.50 -3.40 12.43
CA PRO A 103 4.80 -4.64 11.68
C PRO A 103 4.09 -5.84 12.27
N LEU A 104 3.21 -6.46 11.51
CA LEU A 104 2.42 -7.58 12.00
C LEU A 104 3.19 -8.88 11.89
N ARG A 105 2.90 -9.80 12.81
CA ARG A 105 3.54 -11.11 12.78
C ARG A 105 3.02 -11.96 11.63
N SER A 106 1.74 -11.82 11.31
CA SER A 106 1.13 -12.52 10.18
C SER A 106 0.66 -11.49 9.17
N SER A 107 1.13 -11.62 7.93
CA SER A 107 0.79 -10.64 6.90
C SER A 107 -0.61 -10.83 6.33
N TRP A 108 -1.26 -11.96 6.61
CA TRP A 108 -2.59 -12.23 6.06
C TRP A 108 -3.62 -11.66 7.03
N VAL A 109 -3.91 -10.39 6.86
CA VAL A 109 -4.93 -9.72 7.67
C VAL A 109 -6.09 -9.34 6.76
N MET A 110 -7.29 -9.45 7.31
CA MET A 110 -8.49 -9.11 6.57
C MET A 110 -9.32 -8.05 7.24
N THR A 111 -8.94 -7.62 8.44
CA THR A 111 -9.70 -6.60 9.15
C THR A 111 -8.77 -5.81 10.05
N CYS A 112 -9.24 -4.62 10.41
CA CYS A 112 -8.52 -3.78 11.36
C CYS A 112 -9.52 -2.89 12.07
N ALA A 113 -9.20 -2.53 13.31
CA ALA A 113 -10.09 -1.78 14.16
C ALA A 113 -9.30 -0.67 14.84
N TYR A 114 -10.00 0.40 15.18
CA TYR A 114 -9.40 1.51 15.90
C TYR A 114 -10.27 1.74 17.12
N ALA A 115 -9.67 1.78 18.30
CA ALA A 115 -10.43 1.94 19.52
C ALA A 115 -11.04 3.34 19.61
N PRO A 116 -12.25 3.47 20.17
CA PRO A 116 -12.85 4.80 20.30
C PRO A 116 -12.11 5.73 21.24
N SER A 117 -11.39 5.19 22.22
CA SER A 117 -10.53 6.03 23.04
C SER A 117 -9.30 6.46 22.27
N GLY A 118 -8.80 5.61 21.38
CA GLY A 118 -7.66 5.92 20.55
C GLY A 118 -6.37 5.27 20.99
N ASN A 119 -6.35 4.58 22.11
CA ASN A 119 -5.11 4.01 22.61
C ASN A 119 -4.80 2.64 22.05
N TYR A 120 -5.72 2.04 21.30
CA TYR A 120 -5.54 0.66 20.84
C TYR A 120 -5.96 0.52 19.40
N VAL A 121 -5.30 -0.41 18.70
CA VAL A 121 -5.74 -0.87 17.39
C VAL A 121 -5.75 -2.39 17.40
N ALA A 122 -6.57 -2.95 16.53
CA ALA A 122 -6.71 -4.39 16.42
C ALA A 122 -6.54 -4.79 14.96
N CYS A 123 -6.18 -6.05 14.74
CA CYS A 123 -6.13 -6.60 13.39
C CYS A 123 -6.27 -8.11 13.51
N GLY A 124 -6.60 -8.74 12.40
CA GLY A 124 -6.71 -10.19 12.36
C GLY A 124 -7.06 -10.65 10.97
N GLY A 125 -6.83 -11.93 10.74
CA GLY A 125 -7.11 -12.51 9.44
C GLY A 125 -7.02 -14.00 9.39
N LEU A 126 -6.10 -14.53 8.60
CA LEU A 126 -5.99 -15.96 8.37
C LEU A 126 -5.24 -16.68 9.47
N ASP A 127 -4.66 -15.97 10.43
CA ASP A 127 -3.96 -16.60 11.54
C ASP A 127 -4.87 -16.95 12.69
N ASN A 128 -6.17 -16.63 12.56
CA ASN A 128 -7.22 -16.93 13.54
C ASN A 128 -6.98 -16.26 14.89
N ILE A 129 -6.23 -15.15 14.90
CA ILE A 129 -5.83 -14.47 16.13
C ILE A 129 -6.14 -12.99 15.97
N CYS A 130 -6.89 -12.43 16.93
CA CYS A 130 -7.08 -10.98 17.03
C CYS A 130 -5.97 -10.41 17.90
N SER A 131 -5.10 -9.60 17.31
CA SER A 131 -3.99 -8.99 18.02
C SER A 131 -4.33 -7.56 18.38
N ILE A 132 -4.13 -7.19 19.64
CA ILE A 132 -4.41 -5.86 20.14
C ILE A 132 -3.07 -5.15 20.37
N TYR A 133 -2.94 -3.96 19.81
CA TYR A 133 -1.69 -3.21 19.87
C TYR A 133 -1.89 -1.97 20.73
N ASN A 134 -0.94 -1.72 21.62
CA ASN A 134 -0.99 -0.57 22.51
C ASN A 134 -0.28 0.60 21.85
N LEU A 135 -1.00 1.69 21.63
CA LEU A 135 -0.45 2.86 20.96
C LEU A 135 0.27 3.79 21.93
N LYS A 136 -0.41 4.21 23.00
CA LYS A 136 0.16 5.14 23.97
C LYS A 136 1.03 4.36 24.95
N THR A 137 2.27 4.15 24.58
CA THR A 137 3.23 3.39 25.36
C THR A 137 4.29 4.34 25.91
N ARG A 138 4.73 4.09 27.14
CA ARG A 138 5.78 4.90 27.74
C ARG A 138 7.11 4.70 27.03
N GLU A 139 7.34 3.52 26.46
CA GLU A 139 8.59 3.27 25.73
C GLU A 139 8.65 3.98 24.39
N GLY A 140 7.51 4.45 23.87
CA GLY A 140 7.49 5.18 22.63
C GLY A 140 7.24 4.36 21.38
N ASN A 141 7.17 3.04 21.49
CA ASN A 141 6.90 2.18 20.34
C ASN A 141 5.62 1.39 20.59
N VAL A 142 4.93 1.05 19.50
CA VAL A 142 3.70 0.28 19.57
C VAL A 142 4.06 -1.19 19.76
N ARG A 143 3.48 -1.82 20.77
CA ARG A 143 3.76 -3.21 21.07
C ARG A 143 2.45 -3.99 21.19
N VAL A 144 2.58 -5.31 21.20
CA VAL A 144 1.43 -6.18 21.41
C VAL A 144 1.00 -6.09 22.87
N SER A 145 -0.31 -6.05 23.08
CA SER A 145 -0.87 -6.06 24.43
C SER A 145 -1.59 -7.36 24.74
N ARG A 146 -2.39 -7.86 23.80
CA ARG A 146 -3.13 -9.10 24.01
C ARG A 146 -3.43 -9.72 22.66
N GLU A 147 -3.14 -11.01 22.53
CA GLU A 147 -3.49 -11.78 21.34
C GLU A 147 -4.67 -12.68 21.70
N LEU A 148 -5.78 -12.52 20.99
CA LEU A 148 -7.00 -13.24 21.29
C LEU A 148 -7.08 -14.48 20.42
N ALA A 149 -6.88 -15.64 21.02
CA ALA A 149 -6.99 -16.92 20.34
C ALA A 149 -8.21 -17.65 20.85
N GLY A 150 -8.99 -18.20 19.93
CA GLY A 150 -10.20 -18.91 20.28
C GLY A 150 -10.99 -19.33 19.07
N HIS A 151 -10.98 -18.50 18.03
CA HIS A 151 -11.67 -18.86 16.80
C HIS A 151 -10.92 -19.95 16.04
N THR A 152 -11.67 -20.76 15.30
CA THR A 152 -11.10 -21.76 14.44
C THR A 152 -11.19 -21.39 12.96
N GLY A 153 -11.99 -20.38 12.62
CA GLY A 153 -12.05 -19.84 11.29
C GLY A 153 -11.38 -18.48 11.23
N TYR A 154 -11.15 -18.02 10.01
CA TYR A 154 -10.44 -16.77 9.77
C TYR A 154 -11.25 -15.59 10.29
N LEU A 155 -10.57 -14.62 10.90
CA LEU A 155 -11.26 -13.43 11.36
C LEU A 155 -11.56 -12.51 10.20
N SER A 156 -12.80 -12.07 10.10
CA SER A 156 -13.27 -11.28 8.99
C SER A 156 -13.55 -9.84 9.34
N CYS A 157 -14.04 -9.57 10.55
CA CYS A 157 -14.30 -8.21 10.99
C CYS A 157 -14.27 -8.16 12.51
N CYS A 158 -13.81 -7.04 13.05
CA CYS A 158 -13.81 -6.83 14.49
C CYS A 158 -13.91 -5.35 14.80
N ARG A 159 -14.77 -5.02 15.75
CA ARG A 159 -14.97 -3.66 16.20
C ARG A 159 -14.80 -3.59 17.71
N PHE A 160 -14.37 -2.45 18.22
CA PHE A 160 -14.20 -2.25 19.64
C PHE A 160 -15.52 -1.79 20.26
N LEU A 161 -15.84 -2.34 21.44
CA LEU A 161 -16.85 -1.74 22.28
C LEU A 161 -16.27 -0.61 23.11
N ASP A 162 -15.18 -0.88 23.81
CA ASP A 162 -14.44 0.12 24.56
C ASP A 162 -12.99 -0.32 24.62
N ASP A 163 -12.28 0.00 25.69
CA ASP A 163 -10.89 -0.39 25.79
C ASP A 163 -10.70 -1.82 26.27
N ASN A 164 -11.76 -2.46 26.75
CA ASN A 164 -11.64 -3.80 27.31
C ASN A 164 -12.51 -4.85 26.61
N GLN A 165 -13.46 -4.44 25.78
CA GLN A 165 -14.35 -5.38 25.11
C GLN A 165 -14.27 -5.19 23.61
N ILE A 166 -14.04 -6.28 22.90
CA ILE A 166 -14.01 -6.29 21.43
C ILE A 166 -14.81 -7.48 20.95
N VAL A 167 -15.63 -7.27 19.92
CA VAL A 167 -16.44 -8.32 19.33
C VAL A 167 -15.89 -8.62 17.94
N THR A 168 -15.72 -9.91 17.64
CA THR A 168 -15.12 -10.36 16.39
C THR A 168 -16.08 -11.27 15.65
N SER A 169 -16.10 -11.15 14.33
CA SER A 169 -16.82 -12.06 13.46
C SER A 169 -15.81 -12.91 12.71
N SER A 170 -16.02 -14.22 12.68
CA SER A 170 -15.02 -15.13 12.15
C SER A 170 -15.58 -16.00 11.04
N GLY A 171 -14.68 -16.78 10.47
CA GLY A 171 -14.98 -17.70 9.39
C GLY A 171 -15.41 -19.07 9.83
N ASP A 172 -15.63 -19.29 11.12
CA ASP A 172 -16.19 -20.54 11.61
C ASP A 172 -17.65 -20.38 12.00
N THR A 173 -18.37 -19.50 11.29
CA THR A 173 -19.80 -19.22 11.47
C THR A 173 -20.15 -18.73 12.87
N THR A 174 -19.19 -18.15 13.58
CA THR A 174 -19.42 -17.71 14.96
C THR A 174 -18.94 -16.28 15.15
N CYS A 175 -19.64 -15.55 16.01
CA CYS A 175 -19.21 -14.26 16.52
C CYS A 175 -18.91 -14.41 17.99
N ALA A 176 -17.86 -13.74 18.45
CA ALA A 176 -17.42 -13.88 19.84
C ALA A 176 -17.23 -12.52 20.47
N LEU A 177 -17.65 -12.40 21.73
CA LEU A 177 -17.39 -11.21 22.54
C LEU A 177 -16.23 -11.52 23.48
N TRP A 178 -15.21 -10.67 23.45
CA TRP A 178 -13.97 -10.92 24.15
C TRP A 178 -13.77 -9.94 25.29
N ASP A 179 -12.99 -10.38 26.27
CA ASP A 179 -12.48 -9.51 27.33
C ASP A 179 -10.98 -9.39 27.13
N ILE A 180 -10.51 -8.16 26.89
CA ILE A 180 -9.13 -7.94 26.49
C ILE A 180 -8.17 -8.20 27.65
N GLU A 181 -8.56 -7.79 28.86
CA GLU A 181 -7.67 -7.92 30.00
C GLU A 181 -7.45 -9.37 30.39
N THR A 182 -8.52 -10.15 30.46
CA THR A 182 -8.38 -11.56 30.78
C THR A 182 -7.93 -12.39 29.59
N GLY A 183 -8.17 -11.91 28.37
CA GLY A 183 -7.82 -12.65 27.19
C GLY A 183 -8.76 -13.78 26.85
N GLN A 184 -9.91 -13.87 27.49
CA GLN A 184 -10.86 -14.94 27.28
C GLN A 184 -12.15 -14.36 26.70
N GLN A 185 -12.84 -15.19 25.92
CA GLN A 185 -14.12 -14.79 25.36
C GLN A 185 -15.23 -15.03 26.36
N THR A 186 -16.15 -14.07 26.45
CA THR A 186 -17.22 -14.14 27.42
C THR A 186 -18.53 -14.63 26.82
N THR A 187 -18.85 -14.22 25.60
CA THR A 187 -20.08 -14.60 24.95
C THR A 187 -19.76 -15.04 23.53
N THR A 188 -20.31 -16.19 23.13
CA THR A 188 -20.15 -16.71 21.78
C THR A 188 -21.52 -16.69 21.10
N PHE A 189 -21.58 -16.04 19.94
CA PHE A 189 -22.83 -15.88 19.20
C PHE A 189 -22.87 -16.94 18.11
N THR A 190 -23.79 -17.90 18.24
CA THR A 190 -23.92 -19.00 17.30
C THR A 190 -25.31 -18.99 16.68
N GLY A 191 -25.38 -19.28 15.40
CA GLY A 191 -26.66 -19.30 14.71
C GLY A 191 -26.49 -19.26 13.21
N HIS A 192 -25.42 -18.63 12.74
CA HIS A 192 -25.15 -18.57 11.32
C HIS A 192 -24.68 -19.92 10.81
N THR A 193 -25.08 -20.25 9.58
CA THR A 193 -24.62 -21.46 8.92
C THR A 193 -23.53 -21.20 7.90
N GLY A 194 -23.52 -20.02 7.30
CA GLY A 194 -22.44 -19.63 6.42
C GLY A 194 -21.38 -18.86 7.17
N ASP A 195 -20.24 -18.67 6.52
CA ASP A 195 -19.11 -18.01 7.16
C ASP A 195 -19.40 -16.52 7.31
N VAL A 196 -19.15 -15.99 8.50
CA VAL A 196 -19.51 -14.61 8.80
C VAL A 196 -18.44 -13.69 8.23
N MET A 197 -18.87 -12.68 7.48
CA MET A 197 -17.94 -11.81 6.79
C MET A 197 -17.83 -10.41 7.37
N SER A 198 -18.87 -9.89 8.00
CA SER A 198 -18.79 -8.53 8.52
C SER A 198 -19.78 -8.38 9.66
N LEU A 199 -19.44 -7.48 10.59
CA LEU A 199 -20.40 -7.06 11.61
C LEU A 199 -20.27 -5.55 11.78
N SER A 200 -21.38 -4.94 12.18
CA SER A 200 -21.41 -3.52 12.50
C SER A 200 -22.22 -3.34 13.77
N LEU A 201 -21.84 -2.35 14.56
CA LEU A 201 -22.39 -2.15 15.90
C LEU A 201 -23.25 -0.91 15.96
N ALA A 202 -24.27 -0.98 16.81
CA ALA A 202 -25.22 0.09 16.96
C ALA A 202 -24.56 1.28 17.67
N PRO A 203 -25.10 2.48 17.48
CA PRO A 203 -24.54 3.64 18.19
C PRO A 203 -24.58 3.55 19.70
N ASP A 204 -25.58 2.91 20.28
CA ASP A 204 -25.59 2.73 21.73
C ASP A 204 -24.79 1.51 22.17
N THR A 205 -24.25 0.74 21.21
CA THR A 205 -23.38 -0.43 21.44
C THR A 205 -24.06 -1.48 22.30
N ARG A 206 -25.37 -1.65 22.12
CA ARG A 206 -26.14 -2.68 22.80
C ARG A 206 -26.53 -3.83 21.88
N LEU A 207 -26.61 -3.58 20.58
CA LEU A 207 -26.91 -4.60 19.58
C LEU A 207 -25.88 -4.50 18.46
N PHE A 208 -25.77 -5.57 17.69
CA PHE A 208 -24.94 -5.53 16.48
C PHE A 208 -25.51 -6.49 15.46
N VAL A 209 -25.53 -6.07 14.21
CA VAL A 209 -25.95 -6.93 13.12
C VAL A 209 -24.73 -7.66 12.58
N SER A 210 -24.98 -8.73 11.83
CA SER A 210 -23.91 -9.61 11.40
C SER A 210 -24.32 -10.27 10.09
N GLY A 211 -23.52 -10.09 9.04
CA GLY A 211 -23.77 -10.69 7.75
C GLY A 211 -22.85 -11.87 7.50
N ALA A 212 -23.41 -12.96 6.97
CA ALA A 212 -22.67 -14.19 6.77
C ALA A 212 -22.81 -14.65 5.33
N CYS A 213 -22.17 -15.78 5.03
CA CYS A 213 -22.19 -16.33 3.68
C CYS A 213 -23.46 -17.10 3.36
N ASP A 214 -24.34 -17.32 4.33
CA ASP A 214 -25.60 -17.99 4.06
C ASP A 214 -26.72 -17.02 3.70
N ALA A 215 -26.37 -15.81 3.25
CA ALA A 215 -27.30 -14.78 2.77
C ALA A 215 -28.31 -14.36 3.83
N SER A 216 -27.90 -14.38 5.10
CA SER A 216 -28.77 -14.00 6.20
C SER A 216 -28.06 -13.00 7.09
N ALA A 217 -28.80 -12.01 7.56
CA ALA A 217 -28.30 -11.02 8.50
C ALA A 217 -29.02 -11.21 9.82
N LYS A 218 -28.25 -11.39 10.90
CA LYS A 218 -28.81 -11.68 12.20
C LYS A 218 -28.49 -10.56 13.17
N LEU A 219 -29.52 -10.06 13.85
CA LEU A 219 -29.36 -9.02 14.85
C LEU A 219 -29.18 -9.66 16.22
N TRP A 220 -28.03 -9.42 16.83
CA TRP A 220 -27.70 -10.01 18.12
C TRP A 220 -27.87 -9.01 19.25
N ASP A 221 -27.82 -9.54 20.46
CA ASP A 221 -27.77 -8.72 21.67
C ASP A 221 -26.43 -8.99 22.35
N VAL A 222 -25.71 -7.92 22.69
CA VAL A 222 -24.38 -8.07 23.26
C VAL A 222 -24.46 -8.63 24.68
N ARG A 223 -25.49 -8.25 25.43
CA ARG A 223 -25.59 -8.62 26.84
C ARG A 223 -25.95 -10.09 27.01
N GLU A 224 -27.19 -10.45 26.71
CA GLU A 224 -27.64 -11.82 26.94
C GLU A 224 -27.11 -12.80 25.90
N GLY A 225 -26.65 -12.32 24.75
CA GLY A 225 -25.99 -13.18 23.80
C GLY A 225 -26.88 -14.07 22.96
N MET A 226 -28.11 -13.64 22.69
CA MET A 226 -29.01 -14.40 21.85
C MET A 226 -29.33 -13.61 20.59
N CYS A 227 -29.63 -14.33 19.51
CA CYS A 227 -30.02 -13.71 18.26
C CYS A 227 -31.44 -13.19 18.37
N ARG A 228 -31.61 -11.88 18.23
CA ARG A 228 -32.93 -11.31 18.34
C ARG A 228 -33.74 -11.54 17.07
N GLN A 229 -33.20 -11.15 15.92
CA GLN A 229 -33.91 -11.23 14.66
C GLN A 229 -32.99 -11.77 13.59
N THR A 230 -33.59 -12.33 12.54
CA THR A 230 -32.86 -12.83 11.38
C THR A 230 -33.47 -12.23 10.12
N PHE A 231 -32.64 -11.70 9.24
CA PHE A 231 -33.07 -11.00 8.05
C PHE A 231 -32.58 -11.72 6.80
N THR A 232 -33.50 -12.00 5.89
CA THR A 232 -33.19 -12.67 4.64
C THR A 232 -33.76 -11.87 3.47
N GLY A 233 -33.16 -12.06 2.30
CA GLY A 233 -33.57 -11.36 1.11
C GLY A 233 -32.51 -11.34 0.05
N HIS A 234 -31.32 -11.83 0.40
CA HIS A 234 -30.18 -11.88 -0.50
C HIS A 234 -30.00 -13.28 -1.06
N GLU A 235 -29.22 -13.38 -2.12
CA GLU A 235 -29.01 -14.66 -2.80
C GLU A 235 -27.57 -15.13 -2.79
N SER A 236 -26.64 -14.36 -2.24
CA SER A 236 -25.24 -14.71 -2.30
C SER A 236 -24.59 -14.36 -0.97
N ASP A 237 -23.25 -14.39 -0.96
CA ASP A 237 -22.48 -14.17 0.25
C ASP A 237 -22.53 -12.69 0.64
N ILE A 238 -23.10 -12.38 1.80
CA ILE A 238 -23.11 -11.00 2.28
C ILE A 238 -21.72 -10.65 2.77
N ASN A 239 -21.13 -9.61 2.18
CA ASN A 239 -19.76 -9.23 2.47
C ASN A 239 -19.65 -7.97 3.32
N ALA A 240 -20.73 -7.23 3.50
CA ALA A 240 -20.64 -5.94 4.16
C ALA A 240 -21.96 -5.62 4.84
N ILE A 241 -21.85 -4.91 5.96
CA ILE A 241 -23.01 -4.52 6.73
C ILE A 241 -22.67 -3.24 7.48
N CYS A 242 -23.70 -2.41 7.72
CA CYS A 242 -23.51 -1.12 8.38
C CYS A 242 -24.85 -0.63 8.90
N PHE A 243 -24.89 -0.23 10.17
CA PHE A 243 -26.08 0.37 10.74
C PHE A 243 -26.38 1.75 10.14
N PHE A 244 -27.65 2.12 10.22
CA PHE A 244 -28.06 3.49 10.07
C PHE A 244 -27.57 4.30 11.27
N PRO A 245 -27.37 5.61 11.12
CA PRO A 245 -26.95 6.41 12.27
C PRO A 245 -27.91 6.45 13.45
N ASN A 246 -29.20 6.21 13.25
CA ASN A 246 -30.09 6.15 14.41
C ASN A 246 -30.11 4.78 15.08
N GLY A 247 -29.54 3.76 14.44
CA GLY A 247 -29.53 2.43 14.99
C GLY A 247 -30.80 1.64 14.77
N ASN A 248 -31.79 2.21 14.07
CA ASN A 248 -33.05 1.54 13.82
C ASN A 248 -33.09 0.81 12.48
N ALA A 249 -32.00 0.86 11.71
CA ALA A 249 -31.97 0.26 10.40
C ALA A 249 -30.53 -0.10 10.07
N PHE A 250 -30.35 -0.93 9.05
CA PHE A 250 -29.02 -1.27 8.60
C PHE A 250 -29.09 -1.67 7.13
N ALA A 251 -27.93 -1.68 6.48
CA ALA A 251 -27.85 -2.04 5.07
C ALA A 251 -26.82 -3.14 4.89
N THR A 252 -27.00 -3.91 3.83
CA THR A 252 -26.18 -5.09 3.56
C THR A 252 -25.61 -5.01 2.16
N GLY A 253 -24.47 -5.68 1.96
CA GLY A 253 -23.89 -5.76 0.64
C GLY A 253 -23.39 -7.15 0.33
N SER A 254 -23.76 -7.68 -0.83
CA SER A 254 -23.43 -9.07 -1.15
C SER A 254 -22.88 -9.25 -2.55
N ASP A 255 -22.66 -10.50 -2.94
CA ASP A 255 -22.05 -10.81 -4.22
C ASP A 255 -23.03 -10.75 -5.38
N ASP A 256 -24.32 -10.60 -5.11
CA ASP A 256 -25.33 -10.56 -6.16
C ASP A 256 -25.60 -9.16 -6.66
N ALA A 257 -24.65 -8.24 -6.49
CA ALA A 257 -24.65 -6.89 -7.07
C ALA A 257 -25.84 -6.07 -6.61
N THR A 258 -26.20 -6.21 -5.35
CA THR A 258 -27.29 -5.39 -4.81
C THR A 258 -27.02 -5.05 -3.36
N CYS A 259 -27.61 -3.95 -2.93
CA CYS A 259 -27.61 -3.53 -1.54
C CYS A 259 -29.05 -3.45 -1.07
N ARG A 260 -29.30 -3.91 0.15
CA ARG A 260 -30.65 -3.99 0.67
C ARG A 260 -30.72 -3.34 2.04
N LEU A 261 -31.77 -2.57 2.26
CA LEU A 261 -31.98 -1.85 3.51
C LEU A 261 -33.04 -2.59 4.32
N PHE A 262 -32.72 -2.87 5.58
CA PHE A 262 -33.63 -3.56 6.49
C PHE A 262 -34.09 -2.62 7.59
N ASP A 263 -35.14 -3.03 8.28
CA ASP A 263 -35.64 -2.32 9.46
C ASP A 263 -35.62 -3.27 10.64
N LEU A 264 -35.11 -2.80 11.77
CA LEU A 264 -35.07 -3.65 12.96
C LEU A 264 -36.45 -3.80 13.60
N ARG A 265 -37.37 -2.88 13.33
CA ARG A 265 -38.69 -2.90 13.95
C ARG A 265 -39.76 -3.52 13.06
N ALA A 266 -39.76 -3.21 11.77
CA ALA A 266 -40.67 -3.89 10.85
C ALA A 266 -40.20 -5.29 10.51
N ASP A 267 -38.90 -5.56 10.72
CA ASP A 267 -38.29 -6.89 10.60
C ASP A 267 -38.42 -7.46 9.19
N GLN A 268 -38.28 -6.60 8.19
CA GLN A 268 -38.39 -7.03 6.80
C GLN A 268 -37.62 -6.08 5.91
N GLU A 269 -37.76 -6.28 4.62
CA GLU A 269 -37.05 -5.48 3.63
C GLU A 269 -37.67 -4.10 3.49
N LEU A 270 -36.82 -3.09 3.30
CA LEU A 270 -37.26 -1.74 3.04
C LEU A 270 -36.99 -1.29 1.61
N MET A 271 -35.75 -1.41 1.15
CA MET A 271 -35.37 -0.88 -0.15
C MET A 271 -34.21 -1.67 -0.72
N THR A 272 -34.26 -1.91 -2.03
CA THR A 272 -33.23 -2.63 -2.76
C THR A 272 -32.46 -1.65 -3.63
N TYR A 273 -31.13 -1.71 -3.56
CA TYR A 273 -30.25 -0.81 -4.31
C TYR A 273 -29.49 -1.64 -5.32
N SER A 274 -29.95 -1.60 -6.57
CA SER A 274 -29.32 -2.34 -7.64
C SER A 274 -29.60 -1.64 -8.96
N HIS A 275 -28.76 -1.95 -9.95
CA HIS A 275 -28.94 -1.42 -11.29
C HIS A 275 -28.60 -2.50 -12.29
N ASP A 276 -29.09 -2.34 -13.52
CA ASP A 276 -28.99 -3.40 -14.53
C ASP A 276 -27.55 -3.62 -14.98
N ASN A 277 -26.78 -2.55 -15.14
CA ASN A 277 -25.42 -2.69 -15.63
C ASN A 277 -24.43 -3.09 -14.55
N ILE A 278 -24.86 -3.16 -13.30
CA ILE A 278 -23.98 -3.57 -12.21
C ILE A 278 -24.13 -5.07 -12.03
N ILE A 279 -23.06 -5.81 -12.29
CA ILE A 279 -23.05 -7.26 -12.18
C ILE A 279 -21.94 -7.74 -11.26
N CYS A 280 -21.39 -6.84 -10.46
CA CYS A 280 -20.26 -7.16 -9.59
C CYS A 280 -20.66 -6.97 -8.13
N GLY A 281 -20.06 -7.76 -7.26
CA GLY A 281 -20.44 -7.77 -5.87
C GLY A 281 -19.96 -6.53 -5.12
N ILE A 282 -20.46 -6.39 -3.90
CA ILE A 282 -20.17 -5.27 -3.02
C ILE A 282 -19.23 -5.75 -1.93
N THR A 283 -18.10 -5.07 -1.77
CA THR A 283 -17.14 -5.41 -0.74
C THR A 283 -17.27 -4.58 0.53
N SER A 284 -17.85 -3.39 0.45
CA SER A 284 -17.94 -2.53 1.62
C SER A 284 -19.13 -1.59 1.46
N VAL A 285 -19.79 -1.28 2.57
CA VAL A 285 -20.86 -0.29 2.58
C VAL A 285 -20.61 0.67 3.74
N SER A 286 -21.16 1.86 3.60
CA SER A 286 -21.09 2.87 4.65
C SER A 286 -22.20 3.87 4.42
N PHE A 287 -22.58 4.55 5.49
CA PHE A 287 -23.61 5.58 5.45
C PHE A 287 -22.97 6.93 5.66
N SER A 288 -23.73 7.98 5.36
CA SER A 288 -23.29 9.34 5.65
C SER A 288 -23.65 9.65 7.10
N LYS A 289 -23.45 10.91 7.50
CA LYS A 289 -23.78 11.29 8.86
C LYS A 289 -25.29 11.38 9.07
N SER A 290 -26.01 11.88 8.07
CA SER A 290 -27.45 11.94 8.13
C SER A 290 -28.12 10.65 7.67
N GLY A 291 -27.38 9.74 7.06
CA GLY A 291 -27.95 8.54 6.51
C GLY A 291 -28.71 8.71 5.22
N ARG A 292 -28.65 9.90 4.62
CA ARG A 292 -29.30 10.14 3.35
C ARG A 292 -28.56 9.46 2.21
N LEU A 293 -27.24 9.40 2.29
CA LEU A 293 -26.42 8.77 1.27
C LEU A 293 -25.90 7.43 1.76
N LEU A 294 -26.11 6.39 0.96
CA LEU A 294 -25.53 5.09 1.19
C LEU A 294 -24.42 4.91 0.16
N LEU A 295 -23.23 4.61 0.64
CA LEU A 295 -22.07 4.46 -0.21
C LEU A 295 -21.66 2.99 -0.23
N ALA A 296 -21.33 2.47 -1.40
CA ALA A 296 -20.98 1.06 -1.52
C ALA A 296 -19.74 0.89 -2.37
N GLY A 297 -18.86 0.00 -1.94
CA GLY A 297 -17.66 -0.30 -2.70
C GLY A 297 -17.81 -1.56 -3.51
N TYR A 298 -17.80 -1.44 -4.83
CA TYR A 298 -18.08 -2.54 -5.73
C TYR A 298 -16.78 -3.18 -6.22
N ASP A 299 -16.92 -4.18 -7.09
CA ASP A 299 -15.78 -4.86 -7.66
C ASP A 299 -15.40 -4.34 -9.04
N ASP A 300 -16.24 -3.48 -9.65
CA ASP A 300 -15.92 -2.89 -10.95
C ASP A 300 -15.08 -1.63 -10.81
N PHE A 301 -14.24 -1.57 -9.78
CA PHE A 301 -13.20 -0.60 -9.49
C PHE A 301 -13.76 0.74 -9.03
N ASN A 302 -15.07 0.86 -8.88
CA ASN A 302 -15.73 2.11 -8.56
C ASN A 302 -16.40 2.04 -7.20
N CYS A 303 -17.05 3.15 -6.83
CA CYS A 303 -17.78 3.25 -5.58
C CYS A 303 -19.00 4.13 -5.83
N ASN A 304 -20.18 3.56 -5.71
CA ASN A 304 -21.40 4.29 -6.01
C ASN A 304 -21.93 4.98 -4.78
N VAL A 305 -22.60 6.10 -4.99
CA VAL A 305 -23.29 6.83 -3.94
C VAL A 305 -24.77 6.70 -4.21
N TRP A 306 -25.47 6.05 -3.29
CA TRP A 306 -26.89 5.77 -3.46
C TRP A 306 -27.71 6.71 -2.60
N ASP A 307 -28.76 7.26 -3.18
CA ASP A 307 -29.77 7.94 -2.37
C ASP A 307 -30.50 6.87 -1.57
N ALA A 308 -30.29 6.86 -0.26
CA ALA A 308 -30.79 5.77 0.58
C ALA A 308 -32.30 5.79 0.73
N LEU A 309 -32.95 6.92 0.44
CA LEU A 309 -34.40 7.00 0.53
C LEU A 309 -35.10 6.80 -0.80
N LYS A 310 -34.41 7.00 -1.91
CA LYS A 310 -35.03 6.91 -3.22
C LYS A 310 -34.45 5.83 -4.11
N ALA A 311 -33.39 5.15 -3.67
CA ALA A 311 -32.73 4.04 -4.39
C ALA A 311 -32.24 4.44 -5.77
N ASP A 312 -31.75 5.67 -5.90
CA ASP A 312 -31.17 6.14 -7.14
C ASP A 312 -29.68 6.38 -6.94
N ARG A 313 -28.89 6.08 -7.97
CA ARG A 313 -27.49 6.40 -7.91
C ARG A 313 -27.32 7.91 -7.97
N ALA A 314 -26.44 8.44 -7.12
CA ALA A 314 -26.24 9.88 -7.03
C ALA A 314 -24.87 10.31 -7.46
N GLY A 315 -23.88 9.44 -7.40
CA GLY A 315 -22.54 9.78 -7.83
C GLY A 315 -21.66 8.56 -7.81
N VAL A 316 -20.54 8.66 -8.52
CA VAL A 316 -19.58 7.58 -8.63
C VAL A 316 -18.23 8.09 -8.15
N LEU A 317 -17.63 7.37 -7.22
CA LEU A 317 -16.28 7.71 -6.75
C LEU A 317 -15.27 6.86 -7.54
N ALA A 318 -15.18 7.20 -8.83
CA ALA A 318 -14.30 6.48 -9.74
C ALA A 318 -12.93 7.10 -9.67
N GLY A 319 -12.00 6.41 -9.01
CA GLY A 319 -10.65 6.91 -8.90
C GLY A 319 -9.65 5.83 -8.55
N HIS A 320 -10.10 4.59 -8.55
CA HIS A 320 -9.24 3.48 -8.17
C HIS A 320 -9.03 2.55 -9.36
N ASP A 321 -7.82 1.98 -9.42
CA ASP A 321 -7.44 1.09 -10.51
C ASP A 321 -7.57 -0.38 -10.13
N ASN A 322 -8.20 -0.68 -9.00
CA ASN A 322 -8.45 -2.06 -8.59
C ASN A 322 -9.71 -2.07 -7.74
N ARG A 323 -9.96 -3.21 -7.11
CA ARG A 323 -11.22 -3.42 -6.39
C ARG A 323 -11.22 -2.63 -5.08
N VAL A 324 -12.29 -1.87 -4.86
CA VAL A 324 -12.45 -1.09 -3.64
C VAL A 324 -12.77 -2.05 -2.50
N SER A 325 -11.76 -2.38 -1.70
CA SER A 325 -11.94 -3.41 -0.68
C SER A 325 -12.57 -2.89 0.59
N CYS A 326 -12.43 -1.59 0.88
CA CYS A 326 -12.92 -1.07 2.16
C CYS A 326 -13.38 0.36 1.96
N LEU A 327 -14.18 0.82 2.92
CA LEU A 327 -14.85 2.10 2.82
C LEU A 327 -15.13 2.59 4.23
N GLY A 328 -14.87 3.87 4.47
CA GLY A 328 -15.11 4.44 5.78
C GLY A 328 -15.53 5.89 5.68
N VAL A 329 -16.40 6.30 6.60
CA VAL A 329 -16.88 7.67 6.68
C VAL A 329 -16.57 8.17 8.09
N THR A 330 -16.09 9.42 8.18
CA THR A 330 -15.77 10.05 9.45
C THR A 330 -17.01 10.23 10.31
N ASP A 331 -16.79 10.38 11.61
CA ASP A 331 -17.89 10.51 12.55
C ASP A 331 -18.63 11.84 12.41
N ASP A 332 -17.95 12.88 11.97
CA ASP A 332 -18.61 14.14 11.68
C ASP A 332 -19.04 14.28 10.23
N GLY A 333 -18.77 13.27 9.41
CA GLY A 333 -19.24 13.24 8.04
C GLY A 333 -18.46 14.10 7.07
N MET A 334 -17.28 14.58 7.45
CA MET A 334 -16.53 15.48 6.58
C MET A 334 -15.97 14.75 5.37
N ALA A 335 -15.44 13.54 5.56
CA ALA A 335 -14.69 12.87 4.51
C ALA A 335 -15.04 11.39 4.44
N VAL A 336 -14.80 10.83 3.27
CA VAL A 336 -14.95 9.41 3.00
C VAL A 336 -13.62 8.88 2.51
N ALA A 337 -13.15 7.79 3.12
CA ALA A 337 -11.90 7.18 2.73
C ALA A 337 -12.18 5.84 2.05
N THR A 338 -11.63 5.66 0.86
CA THR A 338 -11.82 4.44 0.07
C THR A 338 -10.46 3.77 -0.13
N GLY A 339 -10.18 2.75 0.65
CA GLY A 339 -9.04 1.91 0.35
C GLY A 339 -9.36 0.92 -0.74
N SER A 340 -8.33 0.40 -1.39
CA SER A 340 -8.54 -0.49 -2.51
C SER A 340 -7.32 -1.38 -2.69
N TRP A 341 -7.43 -2.31 -3.64
CA TRP A 341 -6.39 -3.31 -3.86
C TRP A 341 -5.18 -2.76 -4.60
N ASP A 342 -5.25 -1.53 -5.10
CA ASP A 342 -4.12 -0.91 -5.80
C ASP A 342 -3.20 -0.15 -4.86
N SER A 343 -3.13 -0.58 -3.59
CA SER A 343 -2.23 -0.07 -2.55
C SER A 343 -2.46 1.40 -2.22
N PHE A 344 -3.64 1.93 -2.51
CA PHE A 344 -3.91 3.35 -2.35
C PHE A 344 -5.12 3.57 -1.47
N LEU A 345 -5.00 4.55 -0.57
CA LEU A 345 -6.12 5.10 0.17
C LEU A 345 -6.41 6.48 -0.35
N LYS A 346 -7.67 6.77 -0.62
CA LYS A 346 -8.05 8.06 -1.18
C LYS A 346 -9.11 8.68 -0.29
N ILE A 347 -8.91 9.93 0.08
CA ILE A 347 -9.84 10.67 0.91
C ILE A 347 -10.70 11.52 -0.01
N TRP A 348 -12.02 11.41 0.13
CA TRP A 348 -12.95 12.06 -0.77
C TRP A 348 -13.80 13.06 -0.01
N ASN A 349 -14.16 14.13 -0.69
CA ASN A 349 -14.98 15.18 -0.08
C ASN A 349 -15.71 15.97 -1.16
N SER B 7 -29.32 -35.29 16.77
CA SER B 7 -29.73 -34.24 15.86
C SER B 7 -31.10 -33.69 16.25
N ILE B 8 -31.74 -34.38 17.19
CA ILE B 8 -33.05 -33.94 17.69
C ILE B 8 -32.91 -32.66 18.51
N ALA B 9 -31.83 -32.56 19.28
CA ALA B 9 -31.61 -31.38 20.11
C ALA B 9 -31.29 -30.15 19.26
N GLN B 10 -30.60 -30.33 18.14
CA GLN B 10 -30.35 -29.21 17.23
C GLN B 10 -31.65 -28.71 16.61
N ALA B 11 -32.55 -29.62 16.25
CA ALA B 11 -33.85 -29.22 15.71
C ALA B 11 -34.71 -28.55 16.79
N ARG B 12 -34.61 -29.02 18.03
CA ARG B 12 -35.33 -28.39 19.13
C ARG B 12 -34.82 -26.98 19.40
N LYS B 13 -33.49 -26.80 19.37
CA LYS B 13 -32.91 -25.47 19.52
C LYS B 13 -33.30 -24.55 18.37
N LEU B 14 -33.35 -25.10 17.15
CA LEU B 14 -33.76 -24.31 15.99
C LEU B 14 -35.22 -23.88 16.08
N VAL B 15 -36.11 -24.80 16.49
CA VAL B 15 -37.52 -24.44 16.57
C VAL B 15 -37.78 -23.51 17.77
N GLU B 16 -36.96 -23.60 18.82
CA GLU B 16 -37.05 -22.64 19.91
C GLU B 16 -36.59 -21.26 19.46
N GLN B 17 -35.55 -21.20 18.63
CA GLN B 17 -35.08 -19.94 18.09
C GLN B 17 -36.11 -19.30 17.17
N LEU B 18 -36.76 -20.10 16.32
CA LEU B 18 -37.83 -19.58 15.49
C LEU B 18 -39.04 -19.15 16.30
N LYS B 19 -39.33 -19.83 17.42
CA LYS B 19 -40.40 -19.39 18.30
C LYS B 19 -40.07 -18.07 18.97
N MET B 20 -38.81 -17.89 19.37
CA MET B 20 -38.37 -16.63 19.97
C MET B 20 -38.41 -15.49 18.95
N GLU B 21 -38.06 -15.77 17.69
CA GLU B 21 -38.15 -14.74 16.66
C GLU B 21 -39.59 -14.40 16.32
N ALA B 22 -40.47 -15.41 16.34
CA ALA B 22 -41.88 -15.15 16.06
C ALA B 22 -42.60 -14.51 17.24
N ASN B 23 -42.04 -14.58 18.45
CA ASN B 23 -42.68 -14.03 19.62
C ASN B 23 -42.53 -12.51 19.75
N ILE B 24 -41.73 -11.88 18.89
CA ILE B 24 -41.48 -10.44 19.01
C ILE B 24 -42.65 -9.67 18.42
N ASP B 25 -42.67 -8.36 18.68
CA ASP B 25 -43.69 -7.49 18.11
C ASP B 25 -43.08 -6.70 16.96
N ARG B 26 -43.89 -6.44 15.94
CA ARG B 26 -43.46 -5.75 14.74
C ARG B 26 -44.35 -4.54 14.50
N ILE B 27 -43.78 -3.51 13.89
CA ILE B 27 -44.50 -2.29 13.60
C ILE B 27 -44.80 -2.23 12.10
N LYS B 28 -45.62 -1.27 11.72
CA LYS B 28 -45.94 -1.08 10.31
C LYS B 28 -44.73 -0.52 9.57
N VAL B 29 -44.63 -0.90 8.30
CA VAL B 29 -43.50 -0.46 7.48
C VAL B 29 -43.63 1.02 7.13
N SER B 30 -44.86 1.53 7.07
CA SER B 30 -45.07 2.93 6.74
C SER B 30 -44.54 3.85 7.85
N LYS B 31 -44.72 3.45 9.12
CA LYS B 31 -44.18 4.24 10.22
C LYS B 31 -42.66 4.17 10.27
N ALA B 32 -42.08 3.02 9.93
CA ALA B 32 -40.62 2.91 9.85
C ALA B 32 -40.07 3.78 8.73
N ALA B 33 -40.76 3.80 7.59
CA ALA B 33 -40.37 4.70 6.49
C ALA B 33 -40.51 6.15 6.90
N ALA B 34 -41.56 6.48 7.66
CA ALA B 34 -41.83 7.85 8.07
C ALA B 34 -40.76 8.36 9.02
N ASP B 35 -40.43 7.60 10.07
CA ASP B 35 -39.42 8.13 10.97
C ASP B 35 -38.00 7.95 10.46
N LEU B 36 -37.77 7.04 9.50
CA LEU B 36 -36.48 7.01 8.81
C LEU B 36 -36.29 8.26 7.96
N MET B 37 -37.36 8.66 7.25
CA MET B 37 -37.34 9.92 6.49
C MET B 37 -37.19 11.11 7.41
N ALA B 38 -37.81 11.05 8.59
CA ALA B 38 -37.70 12.13 9.57
C ALA B 38 -36.28 12.25 10.10
N TYR B 39 -35.60 11.13 10.33
CA TYR B 39 -34.21 11.21 10.76
C TYR B 39 -33.31 11.71 9.65
N CYS B 40 -33.61 11.38 8.39
CA CYS B 40 -32.83 11.93 7.29
C CYS B 40 -33.03 13.43 7.15
N GLU B 41 -34.26 13.91 7.30
CA GLU B 41 -34.53 15.33 7.13
C GLU B 41 -34.07 16.16 8.33
N ALA B 42 -34.05 15.57 9.52
CA ALA B 42 -33.68 16.34 10.70
C ALA B 42 -32.18 16.63 10.73
N HIS B 43 -31.36 15.75 10.19
CA HIS B 43 -29.91 15.89 10.19
C HIS B 43 -29.35 16.30 8.84
N ALA B 44 -30.19 16.89 7.98
CA ALA B 44 -29.74 17.26 6.63
C ALA B 44 -28.73 18.39 6.66
N LYS B 45 -28.90 19.35 7.58
CA LYS B 45 -27.96 20.46 7.66
C LYS B 45 -26.62 20.04 8.24
N GLU B 46 -26.59 19.00 9.06
CA GLU B 46 -25.35 18.53 9.67
C GLU B 46 -24.56 17.60 8.77
N ASP B 47 -25.07 17.26 7.59
CA ASP B 47 -24.37 16.35 6.70
C ASP B 47 -23.59 17.16 5.67
N PRO B 48 -22.27 17.14 5.71
CA PRO B 48 -21.48 17.92 4.74
C PRO B 48 -21.18 17.20 3.44
N LEU B 49 -21.62 15.96 3.27
CA LEU B 49 -21.49 15.29 1.99
C LEU B 49 -22.67 15.57 1.07
N LEU B 50 -23.83 15.91 1.63
CA LEU B 50 -24.98 16.31 0.83
C LEU B 50 -24.73 17.68 0.22
N THR B 51 -24.91 18.73 1.02
CA THR B 51 -24.61 20.07 0.56
C THR B 51 -23.09 20.27 0.50
N PRO B 52 -22.61 21.07 -0.46
CA PRO B 52 -21.16 21.36 -0.50
C PRO B 52 -20.76 22.28 0.65
N VAL B 53 -19.90 21.78 1.52
CA VAL B 53 -19.36 22.58 2.62
C VAL B 53 -18.40 23.62 2.05
N PRO B 54 -18.38 24.85 2.56
CA PRO B 54 -17.40 25.84 2.09
C PRO B 54 -15.98 25.45 2.45
N ALA B 55 -15.04 25.91 1.63
CA ALA B 55 -13.64 25.54 1.79
C ALA B 55 -12.97 26.23 2.97
N SER B 56 -13.61 27.23 3.58
CA SER B 56 -13.03 27.88 4.75
C SER B 56 -13.01 26.94 5.94
N GLU B 57 -14.08 26.18 6.15
CA GLU B 57 -14.14 25.20 7.23
C GLU B 57 -13.94 23.78 6.73
N ASN B 58 -13.51 23.60 5.49
CA ASN B 58 -13.17 22.28 4.99
C ASN B 58 -11.79 21.90 5.51
N PRO B 59 -11.64 20.79 6.22
CA PRO B 59 -10.31 20.39 6.69
C PRO B 59 -9.42 19.87 5.59
N PHE B 60 -9.95 19.54 4.42
CA PHE B 60 -9.17 18.92 3.38
C PHE B 60 -8.98 19.80 2.15
N ARG B 61 -9.96 20.64 1.82
CA ARG B 61 -9.79 21.59 0.72
C ARG B 61 -8.81 22.68 1.11
N GLU B 62 -8.89 23.16 2.34
CA GLU B 62 -8.00 24.20 2.84
C GLU B 62 -6.65 23.63 3.22
N ASP C 1 11.74 0.85 33.27
CA ASP C 1 11.41 2.26 33.45
C ASP C 1 12.31 3.13 32.59
N VAL C 2 11.81 4.32 32.24
CA VAL C 2 12.59 5.25 31.44
C VAL C 2 13.66 5.88 32.32
N GLN C 3 14.91 5.81 31.87
CA GLN C 3 16.03 6.28 32.68
C GLN C 3 17.06 6.94 31.78
N LEU C 4 17.53 8.12 32.19
CA LEU C 4 18.59 8.84 31.48
C LEU C 4 19.65 9.22 32.49
N VAL C 5 20.82 8.57 32.42
CA VAL C 5 21.93 8.80 33.34
C VAL C 5 23.00 9.56 32.57
N GLU C 6 23.48 10.65 33.18
CA GLU C 6 24.45 11.54 32.55
C GLU C 6 25.75 11.51 33.33
N SER C 7 26.87 11.65 32.60
CA SER C 7 28.18 11.59 33.21
C SER C 7 29.16 12.37 32.34
N GLY C 8 30.33 12.62 32.91
CA GLY C 8 31.40 13.32 32.22
C GLY C 8 31.67 14.71 32.74
N GLY C 9 30.74 15.31 33.48
CA GLY C 9 30.95 16.63 34.01
C GLY C 9 31.90 16.63 35.19
N GLY C 10 32.35 17.83 35.55
CA GLY C 10 33.28 17.97 36.65
C GLY C 10 33.98 19.32 36.68
N LEU C 11 35.29 19.30 36.84
CA LEU C 11 36.10 20.52 36.92
C LEU C 11 36.99 20.62 35.70
N VAL C 12 36.87 21.74 34.97
CA VAL C 12 37.68 21.99 33.79
C VAL C 12 38.25 23.39 33.86
N GLN C 13 39.36 23.59 33.17
CA GLN C 13 39.95 24.91 33.03
C GLN C 13 39.21 25.70 31.96
N PRO C 14 39.23 27.03 32.03
CA PRO C 14 38.65 27.83 30.94
C PRO C 14 39.41 27.65 29.64
N GLY C 15 38.65 27.55 28.55
CA GLY C 15 39.21 27.25 27.26
C GLY C 15 39.49 25.79 27.01
N GLY C 16 39.17 24.91 27.95
CA GLY C 16 39.41 23.49 27.81
C GLY C 16 38.28 22.79 27.09
N SER C 17 38.31 21.46 27.17
CA SER C 17 37.32 20.63 26.51
C SER C 17 36.87 19.52 27.44
N ARG C 18 35.59 19.17 27.34
CA ARG C 18 35.02 18.09 28.13
C ARG C 18 33.84 17.51 27.35
N LYS C 19 33.70 16.19 27.38
CA LYS C 19 32.68 15.49 26.63
C LYS C 19 31.59 14.99 27.56
N LEU C 20 30.35 15.33 27.24
CA LEU C 20 29.21 14.86 28.01
C LEU C 20 28.62 13.62 27.35
N SER C 21 28.07 12.73 28.18
CA SER C 21 27.47 11.49 27.70
C SER C 21 26.22 11.21 28.51
N CYS C 22 25.10 11.05 27.82
CA CYS C 22 23.81 10.72 28.43
C CYS C 22 23.43 9.30 28.03
N SER C 23 23.47 8.39 29.00
CA SER C 23 23.16 6.98 28.75
C SER C 23 21.65 6.78 28.85
N ALA C 24 21.07 6.11 27.87
CA ALA C 24 19.64 5.91 27.78
C ALA C 24 19.29 4.46 28.04
N SER C 25 18.19 4.25 28.78
CA SER C 25 17.72 2.90 29.07
C SER C 25 16.21 2.94 29.25
N GLY C 26 15.57 1.81 28.98
CA GLY C 26 14.16 1.66 29.23
C GLY C 26 13.21 2.22 28.19
N PHE C 27 13.73 2.66 27.04
CA PHE C 27 12.87 3.16 25.98
C PHE C 27 13.58 2.99 24.65
N ALA C 28 12.78 3.06 23.57
CA ALA C 28 13.31 2.96 22.21
C ALA C 28 14.03 4.26 21.87
N PHE C 29 15.35 4.25 22.04
CA PHE C 29 16.13 5.48 21.95
C PHE C 29 16.22 6.01 20.52
N SER C 30 16.14 5.12 19.53
CA SER C 30 16.36 5.51 18.15
C SER C 30 15.23 6.35 17.57
N SER C 31 14.04 6.31 18.16
CA SER C 31 12.89 7.03 17.65
C SER C 31 12.61 8.31 18.40
N PHE C 32 13.48 8.70 19.33
CA PHE C 32 13.28 9.89 20.15
C PHE C 32 14.31 10.94 19.78
N GLY C 33 13.85 12.16 19.53
CA GLY C 33 14.75 13.27 19.32
C GLY C 33 15.19 13.86 20.63
N MET C 34 16.50 13.94 20.85
CA MET C 34 17.04 14.33 22.14
C MET C 34 17.41 15.80 22.19
N HIS C 35 17.39 16.36 23.39
CA HIS C 35 17.73 17.75 23.64
C HIS C 35 18.80 17.82 24.72
N TRP C 36 19.41 18.98 24.84
CA TRP C 36 20.24 19.33 25.98
C TRP C 36 19.73 20.64 26.54
N VAL C 37 19.41 20.66 27.83
CA VAL C 37 18.89 21.85 28.48
C VAL C 37 19.79 22.15 29.67
N ARG C 38 20.28 23.38 29.73
CA ARG C 38 21.26 23.83 30.70
C ARG C 38 20.62 24.73 31.74
N GLN C 39 21.00 24.54 33.00
CA GLN C 39 20.48 25.34 34.10
C GLN C 39 21.63 25.87 34.92
N ALA C 40 21.73 27.20 35.01
CA ALA C 40 22.74 27.84 35.82
C ALA C 40 22.44 27.61 37.30
N PRO C 41 23.47 27.69 38.15
CA PRO C 41 23.21 27.59 39.61
C PRO C 41 22.31 28.68 40.16
N GLU C 42 22.29 29.86 39.56
CA GLU C 42 21.42 30.92 40.03
C GLU C 42 20.23 31.18 39.12
N LYS C 43 20.36 30.89 37.83
CA LYS C 43 19.32 31.20 36.87
C LYS C 43 18.49 29.96 36.55
N GLY C 44 17.60 30.09 35.57
CA GLY C 44 16.70 29.03 35.17
C GLY C 44 17.22 28.17 34.05
N LEU C 45 16.29 27.62 33.28
CA LEU C 45 16.62 26.69 32.22
C LEU C 45 16.97 27.43 30.94
N GLU C 46 17.83 26.81 30.14
CA GLU C 46 18.26 27.38 28.87
C GLU C 46 18.56 26.25 27.90
N TRP C 47 17.90 26.25 26.75
CA TRP C 47 18.12 25.19 25.77
C TRP C 47 19.47 25.37 25.09
N VAL C 48 20.15 24.25 24.84
CA VAL C 48 21.49 24.26 24.24
C VAL C 48 21.49 23.67 22.84
N ALA C 49 21.07 22.42 22.70
CA ALA C 49 21.20 21.73 21.42
C ALA C 49 20.07 20.73 21.28
N TYR C 50 19.84 20.32 20.03
CA TYR C 50 18.80 19.35 19.74
C TYR C 50 19.25 18.54 18.55
N ILE C 51 19.14 17.22 18.66
CA ILE C 51 19.39 16.32 17.55
C ILE C 51 18.11 15.55 17.30
N SER C 52 17.76 15.38 16.03
CA SER C 52 16.50 14.74 15.70
C SER C 52 16.68 13.23 15.72
N SER C 53 15.58 12.52 15.49
CA SER C 53 15.64 11.07 15.37
C SER C 53 16.33 10.72 14.05
N GLY C 54 17.33 9.84 14.14
CA GLY C 54 18.13 9.52 12.98
C GLY C 54 19.16 10.56 12.62
N SER C 55 19.40 11.54 13.49
CA SER C 55 20.39 12.61 13.34
C SER C 55 20.17 13.45 12.08
N GLY C 56 18.92 13.60 11.66
CA GLY C 56 18.64 14.32 10.43
C GLY C 56 18.65 15.82 10.55
N THR C 57 18.15 16.35 11.68
CA THR C 57 18.04 17.78 11.90
C THR C 57 18.70 18.12 13.21
N ILE C 58 19.66 19.06 13.16
CA ILE C 58 20.42 19.45 14.33
C ILE C 58 20.34 20.97 14.46
N TYR C 59 19.94 21.44 15.64
CA TYR C 59 19.91 22.87 15.92
C TYR C 59 20.82 23.18 17.11
N TYR C 60 21.09 24.46 17.29
CA TYR C 60 21.91 24.94 18.40
C TYR C 60 21.39 26.28 18.88
N ALA C 61 21.79 26.64 20.08
CA ALA C 61 21.53 27.98 20.58
C ALA C 61 22.59 28.94 20.06
N ASP C 62 22.21 30.23 20.01
CA ASP C 62 23.11 31.25 19.49
C ASP C 62 24.31 31.47 20.39
N THR C 63 24.15 31.22 21.69
CA THR C 63 25.25 31.37 22.63
C THR C 63 26.31 30.30 22.42
N VAL C 64 25.90 29.08 22.09
CA VAL C 64 26.81 27.96 22.05
C VAL C 64 27.02 27.44 20.63
N LYS C 65 26.66 28.22 19.62
CA LYS C 65 26.81 27.77 18.24
C LYS C 65 28.27 27.77 17.83
N GLY C 66 28.70 26.66 17.24
CA GLY C 66 30.08 26.48 16.81
C GLY C 66 30.97 25.87 17.85
N ARG C 67 30.83 26.28 19.10
CA ARG C 67 31.66 25.74 20.17
C ARG C 67 31.25 24.33 20.57
N PHE C 68 29.94 24.08 20.64
CA PHE C 68 29.44 22.77 21.05
C PHE C 68 28.96 21.98 19.85
N THR C 69 29.08 20.67 19.92
CA THR C 69 28.51 19.79 18.93
C THR C 69 27.80 18.62 19.63
N ILE C 70 26.75 18.13 19.00
CA ILE C 70 25.88 17.11 19.58
C ILE C 70 25.81 15.92 18.63
N SER C 71 25.97 14.72 19.19
CA SER C 71 25.93 13.50 18.42
C SER C 71 25.28 12.41 19.25
N ARG C 72 24.72 11.42 18.58
CA ARG C 72 24.07 10.31 19.25
C ARG C 72 24.57 9.00 18.66
N ASP C 73 24.49 7.95 19.47
CA ASP C 73 24.87 6.60 19.06
C ASP C 73 23.70 5.69 19.37
N ASP C 74 22.82 5.51 18.39
CA ASP C 74 21.66 4.65 18.56
C ASP C 74 21.95 3.18 18.85
N PRO C 75 22.96 2.50 18.25
CA PRO C 75 23.23 1.11 18.68
C PRO C 75 23.62 0.95 20.15
N LYS C 76 24.33 1.90 20.75
CA LYS C 76 24.69 1.77 22.15
C LYS C 76 23.93 2.73 23.06
N ASN C 77 22.94 3.44 22.52
CA ASN C 77 21.94 4.21 23.26
C ASN C 77 22.58 5.33 24.10
N THR C 78 23.50 6.06 23.48
CA THR C 78 24.24 7.12 24.17
C THR C 78 24.10 8.42 23.39
N LEU C 79 23.80 9.49 24.12
CA LEU C 79 23.74 10.84 23.56
C LEU C 79 24.97 11.61 24.02
N PHE C 80 25.66 12.23 23.07
CA PHE C 80 26.91 12.90 23.33
C PHE C 80 26.76 14.41 23.20
N LEU C 81 27.68 15.12 23.83
CA LEU C 81 27.77 16.59 23.69
C LEU C 81 29.23 16.96 23.89
N GLN C 82 29.95 17.15 22.79
CA GLN C 82 31.35 17.50 22.86
C GLN C 82 31.48 19.01 22.96
N MET C 83 32.22 19.46 23.97
CA MET C 83 32.34 20.88 24.29
C MET C 83 33.76 21.33 24.03
N THR C 84 33.91 22.45 23.34
CA THR C 84 35.21 23.04 23.04
C THR C 84 35.21 24.50 23.42
N SER C 85 36.35 24.97 23.94
CA SER C 85 36.58 26.35 24.38
C SER C 85 35.56 26.77 25.44
N LEU C 86 35.61 26.07 26.56
CA LEU C 86 34.68 26.33 27.65
C LEU C 86 35.04 27.62 28.36
N ARG C 87 34.04 28.44 28.64
CA ARG C 87 34.22 29.69 29.35
C ARG C 87 33.48 29.61 30.68
N SER C 88 33.48 30.73 31.42
CA SER C 88 32.86 30.77 32.73
C SER C 88 31.33 30.82 32.66
N GLU C 89 30.77 31.12 31.50
CA GLU C 89 29.31 31.14 31.36
C GLU C 89 28.71 29.76 31.22
N ASP C 90 29.54 28.72 31.07
CA ASP C 90 29.09 27.34 30.94
C ASP C 90 29.12 26.59 32.26
N THR C 91 29.46 27.25 33.36
CA THR C 91 29.44 26.63 34.68
C THR C 91 27.99 26.44 35.12
N ALA C 92 27.44 25.25 34.88
CA ALA C 92 26.01 25.05 35.08
C ALA C 92 25.71 23.55 35.18
N MET C 93 24.42 23.22 35.18
CA MET C 93 23.91 21.87 35.30
C MET C 93 23.26 21.48 33.98
N TYR C 94 23.57 20.29 33.48
CA TYR C 94 23.13 19.85 32.17
C TYR C 94 22.13 18.72 32.29
N TYR C 95 21.13 18.72 31.41
CA TYR C 95 20.11 17.68 31.36
C TYR C 95 19.94 17.22 29.92
N CYS C 96 19.78 15.91 29.72
CA CYS C 96 19.37 15.37 28.45
C CYS C 96 17.88 15.08 28.51
N VAL C 97 17.13 15.56 27.52
CA VAL C 97 15.68 15.53 27.57
C VAL C 97 15.16 14.69 26.42
N ARG C 98 14.33 13.70 26.76
CA ARG C 98 13.65 12.88 25.78
C ARG C 98 12.52 13.65 25.11
N SER C 99 12.37 13.46 23.80
CA SER C 99 11.30 14.13 23.08
C SER C 99 10.96 13.36 21.81
N ILE C 100 9.66 13.28 21.49
CA ILE C 100 9.19 12.67 20.26
C ILE C 100 8.15 13.60 19.65
N TYR C 101 7.94 13.45 18.34
CA TYR C 101 7.06 14.34 17.59
C TYR C 101 6.24 13.55 16.60
N TYR C 102 4.94 13.46 16.86
CA TYR C 102 3.96 13.08 15.86
C TYR C 102 2.67 13.80 16.21
N TYR C 103 1.56 13.39 15.62
CA TYR C 103 0.29 14.00 15.95
C TYR C 103 -0.16 13.52 17.32
N GLY C 104 -0.37 14.46 18.24
CA GLY C 104 -0.79 14.14 19.58
C GLY C 104 0.30 13.65 20.51
N SER C 105 1.57 13.80 20.13
CA SER C 105 2.65 13.34 20.98
C SER C 105 2.86 14.31 22.14
N SER C 106 3.69 13.88 23.10
CA SER C 106 4.05 14.67 24.27
C SER C 106 5.56 14.87 24.30
N PRO C 107 6.07 15.93 23.67
CA PRO C 107 7.51 16.19 23.72
C PRO C 107 7.92 16.69 25.10
N PHE C 108 9.23 16.56 25.37
CA PHE C 108 9.85 16.92 26.64
C PHE C 108 9.23 16.18 27.81
N ASP C 109 8.86 14.92 27.60
CA ASP C 109 8.12 14.18 28.62
C ASP C 109 9.01 13.77 29.78
N PHE C 110 10.22 13.32 29.50
CA PHE C 110 11.11 12.82 30.52
C PHE C 110 12.43 13.59 30.47
N TRP C 111 13.01 13.81 31.65
CA TRP C 111 14.23 14.58 31.79
C TRP C 111 15.30 13.72 32.44
N GLY C 112 16.55 13.98 32.09
CA GLY C 112 17.65 13.24 32.65
C GLY C 112 17.91 13.62 34.09
N GLN C 113 18.72 12.78 34.75
CA GLN C 113 19.04 13.01 36.16
C GLN C 113 19.92 14.24 36.33
N GLY C 114 20.90 14.42 35.46
CA GLY C 114 21.67 15.64 35.47
C GLY C 114 23.11 15.50 35.90
N THR C 115 24.00 16.15 35.15
CA THR C 115 25.41 16.26 35.54
C THR C 115 25.79 17.73 35.55
N THR C 116 26.71 18.07 36.43
CA THR C 116 27.10 19.46 36.64
C THR C 116 28.46 19.72 36.01
N LEU C 117 28.69 20.99 35.69
CA LEU C 117 29.94 21.42 35.07
C LEU C 117 30.45 22.65 35.81
N THR C 118 31.72 22.62 36.17
CA THR C 118 32.38 23.74 36.84
C THR C 118 33.58 24.18 36.03
N VAL C 119 33.61 25.46 35.64
CA VAL C 119 34.71 26.05 34.90
C VAL C 119 35.39 27.04 35.83
N SER C 120 36.68 26.84 36.11
CA SER C 120 37.42 27.72 37.00
C SER C 120 37.73 29.04 36.34
N GLY C 135 18.39 37.97 18.40
CA GLY C 135 17.63 39.14 18.81
C GLY C 135 16.17 39.06 18.43
N SER C 136 15.86 38.18 17.49
CA SER C 136 14.49 37.98 17.03
C SER C 136 13.77 36.86 17.76
N ASP C 137 14.43 36.26 18.77
CA ASP C 137 13.86 35.16 19.54
C ASP C 137 12.61 35.59 20.30
N ILE C 138 11.78 34.62 20.63
CA ILE C 138 10.59 34.87 21.42
C ILE C 138 11.00 34.90 22.88
N VAL C 139 10.50 35.86 23.64
CA VAL C 139 10.92 36.04 25.03
C VAL C 139 9.77 35.63 25.93
N MET C 140 10.05 34.70 26.85
CA MET C 140 9.06 34.18 27.78
C MET C 140 9.26 34.90 29.10
N THR C 141 8.29 35.72 29.47
CA THR C 141 8.40 36.54 30.66
C THR C 141 7.36 36.10 31.69
N GLN C 142 7.83 35.74 32.87
CA GLN C 142 6.96 35.45 34.00
C GLN C 142 6.96 36.69 34.90
N ALA C 143 5.77 37.20 35.19
CA ALA C 143 5.67 38.47 35.90
C ALA C 143 6.06 38.35 37.37
N THR C 144 5.85 37.19 37.98
CA THR C 144 6.15 36.99 39.38
C THR C 144 7.22 35.92 39.51
N SER C 145 8.18 36.14 40.40
CA SER C 145 9.26 35.19 40.64
C SER C 145 9.04 34.33 41.87
N SER C 146 8.21 34.75 42.82
CA SER C 146 7.99 33.97 44.03
C SER C 146 6.61 34.29 44.60
N VAL C 147 5.85 33.25 44.94
CA VAL C 147 4.53 33.38 45.52
C VAL C 147 4.46 32.58 46.81
N PRO C 148 4.18 33.20 47.95
CA PRO C 148 3.95 32.45 49.20
C PRO C 148 2.51 31.97 49.25
N VAL C 149 2.32 30.65 49.26
CA VAL C 149 0.98 30.07 49.19
C VAL C 149 0.86 28.91 50.16
N THR C 150 -0.29 28.83 50.82
CA THR C 150 -0.64 27.76 51.72
C THR C 150 -1.20 26.57 50.93
N PRO C 151 -1.13 25.36 51.46
CA PRO C 151 -1.82 24.24 50.81
C PRO C 151 -3.33 24.39 50.86
N GLY C 152 -3.99 23.68 49.94
CA GLY C 152 -5.43 23.70 49.86
C GLY C 152 -6.01 24.89 49.13
N GLU C 153 -5.16 25.76 48.57
CA GLU C 153 -5.58 26.98 47.90
C GLU C 153 -5.37 26.83 46.39
N SER C 154 -5.99 27.76 45.64
CA SER C 154 -5.92 27.72 44.18
C SER C 154 -4.97 28.81 43.69
N VAL C 155 -3.77 28.38 43.27
CA VAL C 155 -2.72 29.29 42.82
C VAL C 155 -2.72 29.35 41.29
N SER C 156 -2.65 30.56 40.74
CA SER C 156 -2.55 30.78 39.31
C SER C 156 -1.15 31.28 38.96
N ILE C 157 -0.52 30.65 37.97
CA ILE C 157 0.82 31.02 37.50
C ILE C 157 0.70 31.44 36.04
N SER C 158 1.19 32.63 35.71
CA SER C 158 1.03 33.19 34.38
C SER C 158 2.37 33.34 33.67
N CYS C 159 2.33 33.16 32.34
CA CYS C 159 3.46 33.37 31.46
C CYS C 159 3.03 34.25 30.29
N ARG C 160 3.98 35.00 29.74
CA ARG C 160 3.72 35.93 28.66
C ARG C 160 4.64 35.64 27.49
N SER C 161 4.20 36.03 26.30
CA SER C 161 4.93 35.75 25.07
C SER C 161 5.16 37.04 24.29
N SER C 162 6.26 37.06 23.53
CA SER C 162 6.56 38.21 22.69
C SER C 162 5.60 38.29 21.51
N LYS C 163 5.39 37.17 20.83
CA LYS C 163 4.46 37.07 19.71
C LYS C 163 3.44 35.98 20.02
N SER C 164 2.45 35.86 19.15
CA SER C 164 1.39 34.89 19.38
C SER C 164 1.89 33.48 19.12
N LEU C 165 1.65 32.59 20.07
CA LEU C 165 2.09 31.21 19.96
C LEU C 165 1.07 30.35 19.24
N LEU C 166 -0.06 30.93 18.86
CA LEU C 166 -1.09 30.21 18.14
C LEU C 166 -0.71 30.10 16.68
N HIS C 167 -0.53 28.88 16.20
CA HIS C 167 -0.19 28.63 14.81
C HIS C 167 -1.46 28.50 13.98
N SER C 168 -1.30 28.49 12.66
CA SER C 168 -2.43 28.39 11.76
C SER C 168 -3.13 27.04 11.82
N ASN C 169 -2.45 26.00 12.32
CA ASN C 169 -3.07 24.70 12.46
C ASN C 169 -3.92 24.58 13.71
N GLY C 170 -3.91 25.59 14.58
CA GLY C 170 -4.72 25.60 15.77
C GLY C 170 -3.96 25.29 17.05
N ASN C 171 -2.74 24.77 16.96
CA ASN C 171 -1.98 24.44 18.15
C ASN C 171 -1.32 25.68 18.73
N THR C 172 -1.37 25.81 20.05
CA THR C 172 -0.65 26.84 20.78
C THR C 172 0.49 26.11 21.48
N TYR C 173 1.72 26.38 21.06
CA TYR C 173 2.86 25.60 21.53
C TYR C 173 3.42 26.21 22.81
N LEU C 174 2.75 25.93 23.91
CA LEU C 174 3.18 26.36 25.23
C LEU C 174 3.36 25.14 26.13
N TYR C 175 4.48 25.07 26.83
CA TYR C 175 4.84 23.91 27.63
C TYR C 175 5.12 24.38 29.05
N TRP C 176 4.52 23.70 30.03
CA TRP C 176 4.71 24.02 31.43
C TRP C 176 5.57 22.96 32.10
N PHE C 177 6.45 23.39 32.98
CA PHE C 177 7.35 22.48 33.69
C PHE C 177 7.35 22.81 35.16
N LEU C 178 7.67 21.82 35.98
CA LEU C 178 7.78 21.99 37.42
C LEU C 178 9.07 21.35 37.88
N GLN C 179 9.93 22.12 38.51
CA GLN C 179 11.18 21.63 39.06
C GLN C 179 11.06 21.62 40.57
N ARG C 180 10.88 20.44 41.13
CA ARG C 180 10.92 20.28 42.57
C ARG C 180 12.35 20.47 43.06
N PRO C 181 12.54 21.03 44.25
CA PRO C 181 13.90 21.27 44.75
C PRO C 181 14.66 19.99 45.05
N GLY C 182 15.55 19.59 44.14
CA GLY C 182 16.36 18.43 44.36
C GLY C 182 16.56 17.53 43.15
N GLN C 183 15.65 17.60 42.18
CA GLN C 183 15.71 16.71 41.03
C GLN C 183 15.37 17.47 39.77
N SER C 184 15.16 16.71 38.69
CA SER C 184 14.97 17.26 37.37
C SER C 184 13.58 17.89 37.24
N PRO C 185 13.42 18.84 36.31
CA PRO C 185 12.07 19.31 35.99
C PRO C 185 11.26 18.22 35.30
N GLN C 186 9.95 18.31 35.44
CA GLN C 186 9.06 17.35 34.82
C GLN C 186 7.97 18.09 34.07
N LEU C 187 7.47 17.45 33.03
CA LEU C 187 6.46 18.06 32.17
C LEU C 187 5.09 18.00 32.84
N LEU C 188 4.38 19.11 32.84
CA LEU C 188 3.04 19.19 33.38
C LEU C 188 1.99 19.36 32.29
N ILE C 189 2.13 20.39 31.47
CA ILE C 189 1.19 20.69 30.39
C ILE C 189 1.98 20.79 29.10
N TYR C 190 1.54 20.08 28.07
CA TYR C 190 2.11 20.20 26.74
C TYR C 190 1.06 20.77 25.79
N ARG C 191 1.49 21.72 24.95
CA ARG C 191 0.66 22.44 23.99
C ARG C 191 -0.52 23.14 24.67
N MET C 192 -0.18 24.00 25.63
CA MET C 192 -1.06 24.96 26.29
C MET C 192 -2.18 24.35 27.14
N SER C 193 -2.92 23.37 26.63
CA SER C 193 -4.10 22.88 27.33
C SER C 193 -4.09 21.39 27.66
N ASN C 194 -3.18 20.60 27.10
CA ASN C 194 -3.25 19.15 27.27
C ASN C 194 -2.47 18.73 28.51
N LEU C 195 -3.15 18.02 29.40
CA LEU C 195 -2.51 17.47 30.59
C LEU C 195 -1.60 16.31 30.22
N ALA C 196 -0.48 16.19 30.93
CA ALA C 196 0.50 15.15 30.62
C ALA C 196 0.08 13.83 31.27
N SER C 197 0.95 12.83 31.20
CA SER C 197 0.69 11.52 31.77
C SER C 197 1.45 11.37 33.07
N GLY C 198 0.77 10.82 34.08
CA GLY C 198 1.35 10.67 35.39
C GLY C 198 1.24 11.89 36.28
N VAL C 199 0.65 12.97 35.77
CA VAL C 199 0.47 14.20 36.52
C VAL C 199 -0.98 14.22 37.00
N PRO C 200 -1.27 14.72 38.20
CA PRO C 200 -2.66 14.79 38.68
C PRO C 200 -3.53 15.71 37.84
N ASP C 201 -4.83 15.59 38.08
CA ASP C 201 -5.82 16.33 37.32
C ASP C 201 -6.02 17.75 37.84
N ARG C 202 -5.43 18.07 39.00
CA ARG C 202 -5.60 19.39 39.60
C ARG C 202 -5.02 20.49 38.71
N PHE C 203 -3.86 20.22 38.12
CA PHE C 203 -3.21 21.18 37.22
C PHE C 203 -4.05 21.40 35.98
N SER C 204 -4.33 22.66 35.67
CA SER C 204 -5.09 23.04 34.49
C SER C 204 -4.41 24.21 33.81
N GLY C 205 -4.40 24.19 32.48
CA GLY C 205 -3.75 25.23 31.72
C GLY C 205 -4.65 25.75 30.62
N SER C 206 -4.54 27.05 30.37
CA SER C 206 -5.31 27.71 29.32
C SER C 206 -4.55 28.95 28.87
N GLY C 207 -4.96 29.48 27.73
CA GLY C 207 -4.29 30.64 27.18
C GLY C 207 -5.14 31.30 26.11
N SER C 208 -4.54 32.30 25.47
CA SER C 208 -5.24 33.06 24.43
C SER C 208 -4.25 33.60 23.41
N GLY C 209 -3.31 32.79 23.00
CA GLY C 209 -2.34 33.21 22.00
C GLY C 209 -1.12 33.93 22.53
N THR C 210 -1.33 34.98 23.31
CA THR C 210 -0.26 35.76 23.91
C THR C 210 -0.25 35.72 25.44
N ALA C 211 -1.42 35.68 26.08
CA ALA C 211 -1.51 35.62 27.52
C ALA C 211 -1.83 34.19 27.93
N PHE C 212 -1.09 33.69 28.92
CA PHE C 212 -1.22 32.31 29.35
C PHE C 212 -1.35 32.24 30.87
N THR C 213 -1.89 31.13 31.33
CA THR C 213 -2.03 30.88 32.76
C THR C 213 -2.00 29.39 33.03
N LEU C 214 -1.67 29.05 34.27
CA LEU C 214 -1.68 27.68 34.75
C LEU C 214 -2.43 27.68 36.07
N THR C 215 -3.59 27.03 36.09
CA THR C 215 -4.46 27.01 37.26
C THR C 215 -4.24 25.73 38.04
N ILE C 216 -3.58 25.83 39.19
CA ILE C 216 -3.46 24.71 40.11
C ILE C 216 -4.53 24.88 41.17
N SER C 217 -5.30 23.82 41.41
CA SER C 217 -6.39 23.87 42.39
C SER C 217 -6.15 22.81 43.45
N ARG C 218 -6.58 23.12 44.68
CA ARG C 218 -6.41 22.25 45.86
C ARG C 218 -4.94 21.84 46.03
N LEU C 219 -4.08 22.86 46.10
CA LEU C 219 -2.63 22.71 46.15
C LEU C 219 -2.17 21.78 47.26
N GLU C 220 -1.39 20.77 46.89
CA GLU C 220 -0.83 19.84 47.84
C GLU C 220 0.54 20.34 48.30
N ALA C 221 1.26 19.51 49.06
CA ALA C 221 2.53 19.91 49.63
C ALA C 221 3.70 19.57 48.73
N GLU C 222 3.64 18.44 48.02
CA GLU C 222 4.66 18.06 47.06
C GLU C 222 4.65 18.91 45.79
N ASP C 223 3.69 19.81 45.62
CA ASP C 223 3.60 20.62 44.42
C ASP C 223 4.45 21.88 44.45
N VAL C 224 5.18 22.12 45.53
CA VAL C 224 6.02 23.31 45.63
C VAL C 224 7.26 23.13 44.77
N GLY C 225 7.82 24.23 44.33
CA GLY C 225 8.97 24.21 43.46
C GLY C 225 8.93 25.41 42.55
N VAL C 226 9.76 25.35 41.51
CA VAL C 226 9.88 26.43 40.54
C VAL C 226 9.18 26.01 39.27
N TYR C 227 8.30 26.86 38.77
CA TYR C 227 7.51 26.57 37.57
C TYR C 227 8.06 27.37 36.39
N TYR C 228 8.20 26.70 35.26
CA TYR C 228 8.72 27.32 34.06
C TYR C 228 7.72 27.20 32.92
N CYS C 229 7.73 28.16 32.02
CA CYS C 229 7.01 28.08 30.77
C CYS C 229 8.03 27.94 29.63
N MET C 230 7.58 27.41 28.51
CA MET C 230 8.46 27.27 27.35
C MET C 230 7.60 27.34 26.10
N GLN C 231 8.24 27.59 24.96
CA GLN C 231 7.54 27.71 23.69
C GLN C 231 8.22 26.79 22.70
N HIS C 232 7.43 26.13 21.86
CA HIS C 232 7.98 25.29 20.80
C HIS C 232 7.60 25.80 19.42
N LEU C 233 7.10 27.03 19.32
CA LEU C 233 6.67 27.58 18.04
C LEU C 233 7.82 27.74 17.06
N GLU C 234 8.97 28.22 17.53
CA GLU C 234 10.10 28.46 16.67
C GLU C 234 11.39 28.22 17.45
N TYR C 235 12.38 27.63 16.80
CA TYR C 235 13.68 27.53 17.43
C TYR C 235 14.35 28.91 17.43
N PRO C 236 15.20 29.21 18.43
CA PRO C 236 15.66 28.44 19.60
C PRO C 236 14.58 28.35 20.67
N LEU C 237 14.69 27.38 21.57
CA LEU C 237 13.66 27.14 22.55
C LEU C 237 13.99 27.97 23.78
N THR C 238 13.09 28.87 24.14
CA THR C 238 13.31 29.83 25.21
C THR C 238 12.41 29.50 26.38
N PHE C 239 13.02 29.35 27.55
CA PHE C 239 12.27 29.05 28.75
C PHE C 239 11.84 30.35 29.42
N GLY C 240 11.19 30.22 30.57
CA GLY C 240 10.79 31.36 31.35
C GLY C 240 11.80 31.69 32.41
N ALA C 241 11.53 32.78 33.12
CA ALA C 241 12.41 33.18 34.22
C ALA C 241 12.30 32.23 35.39
N GLY C 242 11.09 31.79 35.71
CA GLY C 242 10.89 30.84 36.78
C GLY C 242 10.11 31.39 37.94
N THR C 243 8.87 30.93 38.09
CA THR C 243 8.02 31.31 39.20
C THR C 243 8.09 30.24 40.28
N LYS C 244 8.42 30.64 41.50
CA LYS C 244 8.68 29.71 42.59
C LYS C 244 7.51 29.74 43.57
N LEU C 245 7.05 28.57 43.97
CA LEU C 245 6.01 28.44 44.99
C LEU C 245 6.64 27.93 46.27
N GLU C 246 6.35 28.60 47.38
CA GLU C 246 6.85 28.20 48.68
C GLU C 246 5.69 28.24 49.69
N LEU C 247 5.94 27.65 50.85
CA LEU C 247 4.92 27.53 51.88
C LEU C 247 4.66 28.88 52.55
N LYS C 248 3.54 28.93 53.29
CA LYS C 248 3.05 30.09 54.04
C LYS C 248 2.91 31.36 53.19
N THR D 4 2.95 27.33 6.05
CA THR D 4 4.27 27.06 6.58
C THR D 4 4.17 26.20 7.84
N LEU D 5 4.97 25.14 7.89
CA LEU D 5 4.92 24.19 8.99
C LEU D 5 5.54 24.73 10.26
N SER D 6 5.07 24.20 11.39
CA SER D 6 5.66 24.48 12.69
C SER D 6 6.91 23.63 12.88
N ALA D 7 7.61 23.85 13.99
CA ALA D 7 8.76 23.00 14.32
C ALA D 7 8.30 21.59 14.64
N GLU D 8 7.19 21.47 15.37
CA GLU D 8 6.58 20.17 15.63
C GLU D 8 6.11 19.52 14.35
N ASP D 9 5.53 20.30 13.43
CA ASP D 9 5.08 19.76 12.15
C ASP D 9 6.24 19.30 11.29
N LYS D 10 7.35 20.05 11.31
CA LYS D 10 8.53 19.65 10.55
C LYS D 10 9.14 18.36 11.11
N ALA D 11 9.18 18.23 12.43
CA ALA D 11 9.69 17.00 13.01
C ALA D 11 8.75 15.82 12.78
N ALA D 12 7.43 16.07 12.74
CA ALA D 12 6.48 15.02 12.38
C ALA D 12 6.66 14.57 10.93
N VAL D 13 6.92 15.51 10.03
CA VAL D 13 7.19 15.17 8.63
C VAL D 13 8.48 14.38 8.50
N GLU D 14 9.49 14.72 9.30
CA GLU D 14 10.73 13.95 9.30
C GLU D 14 10.51 12.52 9.81
N ARG D 15 9.68 12.36 10.84
CA ARG D 15 9.33 11.03 11.34
C ARG D 15 8.58 10.23 10.28
N SER D 16 7.68 10.88 9.55
CA SER D 16 6.94 10.23 8.48
C SER D 16 7.86 9.83 7.32
N LYS D 17 8.90 10.62 7.05
CA LYS D 17 9.85 10.26 6.00
C LYS D 17 10.74 9.10 6.41
N MET D 18 11.12 9.04 7.69
CA MET D 18 11.84 7.86 8.18
C MET D 18 10.98 6.60 8.11
N ILE D 19 9.68 6.75 8.39
CA ILE D 19 8.75 5.63 8.24
C ILE D 19 8.64 5.22 6.77
N ASP D 20 8.64 6.20 5.86
CA ASP D 20 8.68 5.92 4.43
C ASP D 20 9.90 5.11 4.01
N ARG D 21 11.08 5.49 4.50
CA ARG D 21 12.27 4.75 4.07
C ARG D 21 12.33 3.36 4.70
N ASN D 22 11.77 3.20 5.91
CA ASN D 22 11.70 1.87 6.51
C ASN D 22 10.70 0.97 5.78
N LEU D 23 9.56 1.54 5.37
CA LEU D 23 8.60 0.77 4.57
C LEU D 23 9.17 0.40 3.22
N ARG D 24 9.95 1.30 2.61
CA ARG D 24 10.54 1.01 1.32
C ARG D 24 11.61 -0.08 1.42
N GLU D 25 12.43 -0.06 2.47
CA GLU D 25 13.43 -1.13 2.57
C GLU D 25 12.79 -2.45 2.96
N ASP D 26 11.72 -2.45 3.76
CA ASP D 26 11.00 -3.68 4.05
C ASP D 26 10.33 -4.25 2.80
N GLY D 27 9.75 -3.38 1.97
CA GLY D 27 9.20 -3.84 0.71
C GLY D 27 10.24 -4.34 -0.27
N GLU D 28 11.43 -3.73 -0.26
CA GLU D 28 12.52 -4.22 -1.10
C GLU D 28 13.02 -5.59 -0.62
N LYS D 29 13.02 -5.82 0.69
CA LYS D 29 13.36 -7.17 1.16
C LYS D 29 12.27 -8.18 0.83
N ALA D 30 11.00 -7.75 0.86
CA ALA D 30 9.90 -8.66 0.58
C ALA D 30 9.75 -8.95 -0.90
N ALA D 31 10.19 -8.04 -1.76
CA ALA D 31 10.05 -8.23 -3.21
C ALA D 31 10.92 -9.36 -3.73
N ARG D 32 12.04 -9.65 -3.09
CA ARG D 32 12.87 -10.78 -3.52
C ARG D 32 12.63 -12.00 -2.63
N GLU D 33 11.39 -12.45 -2.70
CA GLU D 33 10.92 -13.55 -1.87
C GLU D 33 9.98 -14.39 -2.71
N VAL D 34 10.24 -15.69 -2.74
CA VAL D 34 9.41 -16.62 -3.51
C VAL D 34 8.27 -17.08 -2.63
N LYS D 35 7.06 -16.72 -3.02
CA LYS D 35 5.85 -17.06 -2.29
C LYS D 35 5.18 -18.25 -2.97
N LEU D 36 5.15 -19.38 -2.29
CA LEU D 36 4.58 -20.61 -2.82
C LEU D 36 3.37 -20.98 -1.99
N LEU D 37 2.21 -21.07 -2.63
CA LEU D 37 0.98 -21.50 -1.96
C LEU D 37 0.89 -23.01 -2.10
N LEU D 38 1.00 -23.72 -0.98
CA LEU D 38 0.87 -25.16 -0.99
C LEU D 38 -0.60 -25.53 -0.90
N LEU D 39 -1.00 -26.52 -1.68
CA LEU D 39 -2.39 -26.97 -1.72
C LEU D 39 -2.40 -28.49 -1.77
N GLY D 40 -3.59 -29.05 -1.78
CA GLY D 40 -3.74 -30.49 -1.80
C GLY D 40 -4.97 -30.89 -1.01
N ALA D 41 -5.10 -32.19 -0.82
CA ALA D 41 -6.22 -32.76 -0.08
C ALA D 41 -5.73 -33.34 1.24
N GLY D 42 -6.68 -33.75 2.07
CA GLY D 42 -6.32 -34.33 3.35
C GLY D 42 -5.74 -35.72 3.17
N GLU D 43 -4.64 -35.98 3.90
CA GLU D 43 -3.86 -37.23 3.86
C GLU D 43 -3.40 -37.55 2.43
N SER D 44 -3.03 -36.50 1.69
CA SER D 44 -2.55 -36.65 0.32
C SER D 44 -1.05 -36.36 0.22
N GLY D 45 -0.32 -36.59 1.30
CA GLY D 45 1.09 -36.27 1.34
C GLY D 45 1.39 -34.79 1.37
N LYS D 46 0.48 -34.00 1.96
CA LYS D 46 0.70 -32.56 2.09
C LYS D 46 1.85 -32.27 3.04
N ASN D 47 1.89 -32.97 4.17
CA ASN D 47 2.85 -32.71 5.23
C ASN D 47 4.11 -33.55 5.09
N THR D 48 4.21 -34.41 4.09
CA THR D 48 5.39 -35.23 3.93
C THR D 48 6.47 -34.58 3.08
N ILE D 49 6.17 -33.44 2.47
CA ILE D 49 7.16 -32.74 1.67
C ILE D 49 7.75 -31.55 2.41
N VAL D 50 7.11 -31.09 3.48
CA VAL D 50 7.66 -29.96 4.24
C VAL D 50 8.77 -30.38 5.18
N LYS D 51 8.95 -31.68 5.42
CA LYS D 51 10.02 -32.12 6.29
C LYS D 51 11.38 -32.02 5.61
N GLN D 52 11.42 -32.18 4.29
CA GLN D 52 12.66 -31.99 3.53
C GLN D 52 12.73 -30.63 2.88
N MET D 53 11.66 -29.85 2.92
CA MET D 53 11.64 -28.52 2.32
C MET D 53 11.08 -27.48 3.27
N THR D 182 -3.50 -23.68 14.99
CA THR D 182 -4.40 -23.60 13.84
C THR D 182 -4.03 -22.42 12.95
N GLY D 183 -4.79 -22.25 11.87
CA GLY D 183 -4.53 -21.17 10.94
C GLY D 183 -3.54 -21.55 9.86
N ILE D 184 -3.12 -20.52 9.12
CA ILE D 184 -2.16 -20.71 8.05
C ILE D 184 -0.77 -20.94 8.62
N VAL D 185 -0.10 -21.98 8.17
CA VAL D 185 1.24 -22.33 8.62
C VAL D 185 2.21 -21.92 7.53
N GLU D 186 3.15 -21.04 7.87
CA GLU D 186 4.15 -20.55 6.92
C GLU D 186 5.49 -21.23 7.18
N THR D 187 6.11 -21.74 6.14
CA THR D 187 7.40 -22.41 6.22
C THR D 187 8.42 -21.58 5.45
N HIS D 188 9.50 -21.21 6.12
CA HIS D 188 10.55 -20.38 5.53
C HIS D 188 11.83 -21.18 5.46
N PHE D 189 12.47 -21.16 4.28
CA PHE D 189 13.71 -21.89 4.10
C PHE D 189 14.48 -21.25 2.95
N THR D 190 15.76 -21.56 2.89
CA THR D 190 16.68 -21.03 1.90
C THR D 190 17.28 -22.15 1.08
N PHE D 191 17.39 -21.93 -0.22
CA PHE D 191 18.02 -22.89 -1.12
C PHE D 191 18.67 -22.13 -2.26
N LYS D 192 19.98 -22.35 -2.45
CA LYS D 192 20.80 -21.70 -3.48
C LYS D 192 20.71 -20.17 -3.39
N ASP D 193 20.83 -19.68 -2.15
CA ASP D 193 20.77 -18.26 -1.80
C ASP D 193 19.47 -17.61 -2.25
N LEU D 194 18.37 -18.35 -2.12
CA LEU D 194 17.05 -17.84 -2.45
C LEU D 194 16.11 -18.24 -1.32
N HIS D 195 15.38 -17.27 -0.78
CA HIS D 195 14.51 -17.48 0.37
C HIS D 195 13.08 -17.73 -0.11
N PHE D 196 12.48 -18.80 0.39
CA PHE D 196 11.16 -19.24 -0.02
C PHE D 196 10.16 -19.07 1.11
N LYS D 197 8.99 -18.56 0.78
CA LYS D 197 7.86 -18.51 1.71
C LYS D 197 6.84 -19.53 1.22
N MET D 198 6.62 -20.58 2.01
CA MET D 198 5.67 -21.63 1.67
C MET D 198 4.51 -21.59 2.64
N PHE D 199 3.30 -21.41 2.14
CA PHE D 199 2.11 -21.23 2.95
C PHE D 199 1.23 -22.47 2.88
N ASP D 200 0.83 -22.99 4.03
CA ASP D 200 -0.06 -24.13 4.13
C ASP D 200 -1.42 -23.64 4.61
N VAL D 201 -2.46 -23.92 3.84
CA VAL D 201 -3.81 -23.51 4.17
C VAL D 201 -4.73 -24.72 4.33
N GLY D 202 -4.16 -25.88 4.61
CA GLY D 202 -4.95 -27.09 4.76
C GLY D 202 -5.77 -27.14 6.03
N ALA D 203 -5.40 -26.34 7.02
CA ALA D 203 -6.13 -26.29 8.29
C ALA D 203 -7.33 -25.37 8.24
N GLN D 204 -7.53 -24.65 7.14
CA GLN D 204 -8.65 -23.73 7.02
C GLN D 204 -9.87 -24.51 6.52
N ARG D 205 -10.82 -24.73 7.42
CA ARG D 205 -12.02 -25.47 7.11
C ARG D 205 -13.16 -24.59 6.62
N SER D 206 -12.92 -23.29 6.45
CA SER D 206 -13.95 -22.39 6.00
C SER D 206 -14.13 -22.47 4.49
N GLU D 207 -15.02 -21.64 3.97
CA GLU D 207 -15.28 -21.61 2.54
C GLU D 207 -14.09 -20.97 1.81
N ARG D 208 -13.64 -21.62 0.74
CA ARG D 208 -12.33 -21.32 0.18
C ARG D 208 -12.32 -20.03 -0.63
N LYS D 209 -13.41 -19.74 -1.33
CA LYS D 209 -13.38 -18.62 -2.27
C LYS D 209 -13.41 -17.26 -1.59
N LYS D 210 -13.72 -17.20 -0.30
CA LYS D 210 -13.71 -15.93 0.41
C LYS D 210 -12.30 -15.46 0.78
N TRP D 211 -11.30 -16.34 0.73
CA TRP D 211 -9.94 -15.96 1.06
C TRP D 211 -8.91 -16.40 0.03
N ILE D 212 -9.34 -16.97 -1.09
CA ILE D 212 -8.36 -17.45 -2.07
C ILE D 212 -7.78 -16.30 -2.89
N HIS D 213 -8.41 -15.13 -2.89
CA HIS D 213 -7.84 -13.99 -3.60
C HIS D 213 -6.71 -13.34 -2.84
N CYS D 214 -6.48 -13.73 -1.59
CA CYS D 214 -5.35 -13.20 -0.83
C CYS D 214 -4.03 -13.74 -1.34
N PHE D 215 -4.04 -14.86 -2.06
CA PHE D 215 -2.82 -15.45 -2.61
C PHE D 215 -2.69 -15.19 -4.10
N GLU D 216 -3.17 -14.04 -4.57
CA GLU D 216 -3.17 -13.76 -6.00
C GLU D 216 -1.78 -13.52 -6.54
N GLY D 217 -0.88 -12.98 -5.73
CA GLY D 217 0.44 -12.64 -6.23
C GLY D 217 1.51 -13.64 -5.90
N VAL D 218 1.15 -14.91 -5.72
CA VAL D 218 2.16 -15.92 -5.40
C VAL D 218 2.95 -16.26 -6.66
N THR D 219 4.17 -16.74 -6.46
CA THR D 219 5.02 -17.13 -7.57
C THR D 219 4.51 -18.40 -8.24
N ALA D 220 4.21 -19.42 -7.45
CA ALA D 220 3.76 -20.69 -7.97
C ALA D 220 2.91 -21.38 -6.92
N ILE D 221 2.17 -22.40 -7.34
CA ILE D 221 1.29 -23.15 -6.47
C ILE D 221 1.79 -24.59 -6.44
N ILE D 222 2.05 -25.09 -5.25
CA ILE D 222 2.48 -26.47 -5.09
C ILE D 222 1.25 -27.30 -4.79
N PHE D 223 0.99 -28.29 -5.63
CA PHE D 223 -0.17 -29.16 -5.51
C PHE D 223 0.33 -30.58 -5.26
N CYS D 224 -0.18 -31.22 -4.21
CA CYS D 224 0.23 -32.56 -3.85
C CYS D 224 -0.95 -33.50 -4.05
N VAL D 225 -0.76 -34.52 -4.87
CA VAL D 225 -1.77 -35.55 -5.10
C VAL D 225 -1.14 -36.91 -4.81
N ALA D 226 -1.79 -37.69 -3.95
CA ALA D 226 -1.31 -39.02 -3.65
C ALA D 226 -1.53 -39.95 -4.85
N LEU D 227 -0.48 -40.67 -5.22
CA LEU D 227 -0.59 -41.65 -6.30
C LEU D 227 -1.37 -42.87 -5.87
N SER D 228 -1.33 -43.20 -4.58
CA SER D 228 -2.02 -44.36 -4.05
C SER D 228 -3.43 -44.05 -3.60
N ASP D 229 -4.05 -43.03 -4.17
CA ASP D 229 -5.39 -42.59 -3.78
C ASP D 229 -6.40 -42.79 -4.90
N TYR D 230 -6.17 -43.76 -5.77
CA TYR D 230 -7.05 -44.02 -6.90
C TYR D 230 -8.13 -45.03 -6.58
N ASP D 231 -8.11 -45.66 -5.41
CA ASP D 231 -9.05 -46.72 -5.10
C ASP D 231 -9.56 -46.62 -3.67
N LEU D 232 -9.70 -45.42 -3.14
CA LEU D 232 -10.19 -45.22 -1.78
C LEU D 232 -11.36 -44.25 -1.79
N VAL D 233 -12.21 -44.40 -0.79
CA VAL D 233 -13.48 -43.68 -0.68
C VAL D 233 -13.32 -42.58 0.36
N LEU D 234 -13.92 -41.42 0.09
CA LEU D 234 -14.00 -40.37 1.10
C LEU D 234 -14.74 -40.87 2.35
N ALA D 235 -14.24 -40.47 3.52
CA ALA D 235 -14.92 -40.81 4.76
C ALA D 235 -16.19 -39.99 4.93
N GLU D 236 -16.20 -38.75 4.42
CA GLU D 236 -17.38 -37.90 4.57
C GLU D 236 -18.50 -38.34 3.65
N ASP D 237 -18.17 -38.66 2.39
CA ASP D 237 -19.17 -39.04 1.40
C ASP D 237 -18.81 -40.39 0.80
N GLU D 238 -19.75 -41.32 0.83
CA GLU D 238 -19.53 -42.64 0.26
C GLU D 238 -19.63 -42.58 -1.25
N GLU D 239 -19.08 -43.63 -1.90
CA GLU D 239 -19.07 -43.81 -3.36
C GLU D 239 -18.41 -42.63 -4.08
N MET D 240 -17.32 -42.13 -3.51
CA MET D 240 -16.61 -40.99 -4.06
C MET D 240 -15.12 -41.25 -3.87
N ASN D 241 -14.38 -41.28 -4.98
CA ASN D 241 -12.95 -41.53 -4.92
C ASN D 241 -12.26 -40.24 -4.51
N ARG D 242 -11.17 -40.36 -3.73
CA ARG D 242 -10.38 -39.15 -3.47
C ARG D 242 -9.56 -38.71 -4.66
N MET D 243 -9.30 -39.59 -5.63
CA MET D 243 -8.64 -39.17 -6.85
C MET D 243 -9.52 -38.21 -7.65
N HIS D 244 -10.82 -38.53 -7.74
CA HIS D 244 -11.74 -37.62 -8.42
C HIS D 244 -11.96 -36.35 -7.62
N ALA D 245 -11.92 -36.43 -6.28
CA ALA D 245 -12.02 -35.23 -5.46
C ALA D 245 -10.81 -34.33 -5.63
N SER D 246 -9.62 -34.92 -5.73
CA SER D 246 -8.42 -34.13 -5.99
C SER D 246 -8.42 -33.58 -7.40
N MET D 247 -8.99 -34.31 -8.35
CA MET D 247 -9.16 -33.79 -9.70
C MET D 247 -10.11 -32.60 -9.73
N LYS D 248 -11.20 -32.67 -8.95
CA LYS D 248 -12.12 -31.53 -8.86
C LYS D 248 -11.45 -30.34 -8.20
N LEU D 249 -10.63 -30.59 -7.18
CA LEU D 249 -9.90 -29.51 -6.53
C LEU D 249 -8.87 -28.88 -7.49
N PHE D 250 -8.20 -29.71 -8.29
CA PHE D 250 -7.27 -29.20 -9.28
C PHE D 250 -7.98 -28.43 -10.38
N ASP D 251 -9.19 -28.85 -10.75
CA ASP D 251 -9.95 -28.11 -11.74
C ASP D 251 -10.41 -26.76 -11.20
N SER D 252 -10.75 -26.70 -9.92
CA SER D 252 -11.16 -25.43 -9.33
C SER D 252 -9.97 -24.50 -9.15
N ILE D 253 -8.82 -25.05 -8.76
CA ILE D 253 -7.63 -24.23 -8.50
C ILE D 253 -7.00 -23.74 -9.80
N CYS D 254 -6.74 -24.67 -10.73
CA CYS D 254 -6.07 -24.36 -11.98
C CYS D 254 -6.85 -23.36 -12.83
N ASN D 255 -8.17 -23.46 -12.84
CA ASN D 255 -8.99 -22.63 -13.71
C ASN D 255 -9.69 -21.51 -12.95
N ASN D 256 -9.17 -21.16 -11.78
CA ASN D 256 -9.70 -20.04 -11.01
C ASN D 256 -9.35 -18.73 -11.71
N LYS D 257 -10.16 -17.70 -11.45
CA LYS D 257 -9.92 -16.43 -12.13
C LYS D 257 -8.81 -15.62 -11.48
N TRP D 258 -8.41 -15.98 -10.26
CA TRP D 258 -7.30 -15.32 -9.61
C TRP D 258 -5.97 -15.94 -9.95
N PHE D 259 -5.96 -17.16 -10.48
CA PHE D 259 -4.73 -17.89 -10.71
C PHE D 259 -4.50 -18.16 -12.19
N THR D 260 -4.91 -17.22 -13.05
CA THR D 260 -4.84 -17.41 -14.50
C THR D 260 -3.41 -17.56 -14.99
N ASP D 261 -2.52 -16.69 -14.52
CA ASP D 261 -1.14 -16.70 -14.98
C ASP D 261 -0.20 -17.50 -14.09
N THR D 262 -0.60 -17.81 -12.86
CA THR D 262 0.28 -18.49 -11.91
C THR D 262 0.48 -19.94 -12.33
N SER D 263 1.73 -20.35 -12.48
CA SER D 263 2.01 -21.73 -12.81
C SER D 263 1.77 -22.62 -11.59
N ILE D 264 1.60 -23.90 -11.85
CA ILE D 264 1.32 -24.89 -10.82
C ILE D 264 2.41 -25.94 -10.84
N ILE D 265 3.07 -26.13 -9.70
CA ILE D 265 4.04 -27.20 -9.54
C ILE D 265 3.30 -28.39 -8.97
N LEU D 266 3.01 -29.38 -9.81
CA LEU D 266 2.22 -30.54 -9.42
C LEU D 266 3.13 -31.62 -8.87
N PHE D 267 2.88 -32.05 -7.65
CA PHE D 267 3.65 -33.12 -7.04
C PHE D 267 2.78 -34.36 -6.92
N LEU D 268 3.28 -35.46 -7.44
CA LEU D 268 2.62 -36.75 -7.37
C LEU D 268 3.48 -37.65 -6.50
N ASN D 269 3.05 -37.88 -5.27
CA ASN D 269 3.85 -38.53 -4.25
C ASN D 269 3.31 -39.91 -3.89
N LYS D 270 4.09 -40.58 -3.04
CA LYS D 270 3.88 -41.97 -2.61
C LYS D 270 3.82 -42.91 -3.82
N LYS D 271 4.94 -42.95 -4.54
CA LYS D 271 5.05 -43.81 -5.71
C LYS D 271 5.37 -45.26 -5.36
N ASP D 272 5.95 -45.52 -4.19
CA ASP D 272 6.29 -46.88 -3.81
C ASP D 272 5.03 -47.67 -3.46
N LEU D 273 4.13 -47.06 -2.69
CA LEU D 273 2.85 -47.70 -2.39
C LEU D 273 1.99 -47.81 -3.63
N PHE D 274 2.10 -46.85 -4.56
CA PHE D 274 1.39 -46.96 -5.83
C PHE D 274 1.92 -48.11 -6.68
N GLU D 275 3.24 -48.31 -6.68
CA GLU D 275 3.81 -49.44 -7.43
C GLU D 275 3.43 -50.77 -6.79
N GLU D 276 3.36 -50.82 -5.46
CA GLU D 276 2.93 -52.03 -4.79
C GLU D 276 1.42 -52.25 -4.90
N LYS D 277 0.65 -51.20 -5.17
CA LYS D 277 -0.80 -51.29 -5.23
C LYS D 277 -1.32 -51.54 -6.64
N ILE D 278 -0.60 -51.08 -7.66
CA ILE D 278 -1.08 -51.20 -9.04
C ILE D 278 -1.03 -52.65 -9.52
N LYS D 279 -0.19 -53.48 -8.93
CA LYS D 279 -0.19 -54.91 -9.27
C LYS D 279 -1.40 -55.61 -8.66
N LYS D 280 -1.74 -55.28 -7.42
CA LYS D 280 -2.89 -55.89 -6.76
C LYS D 280 -4.20 -55.33 -7.28
N SER D 281 -4.27 -54.02 -7.51
CA SER D 281 -5.51 -53.36 -7.90
C SER D 281 -5.34 -52.69 -9.25
N PRO D 282 -6.26 -52.90 -10.19
CA PRO D 282 -6.15 -52.26 -11.50
C PRO D 282 -6.54 -50.80 -11.45
N LEU D 283 -6.06 -50.06 -12.46
CA LEU D 283 -6.38 -48.64 -12.57
C LEU D 283 -7.77 -48.40 -13.14
N THR D 284 -8.38 -49.42 -13.76
CA THR D 284 -9.66 -49.24 -14.44
C THR D 284 -10.82 -49.00 -13.49
N ILE D 285 -10.66 -49.28 -12.20
CA ILE D 285 -11.71 -48.95 -11.24
C ILE D 285 -11.73 -47.47 -10.92
N CYS D 286 -10.64 -46.75 -11.20
CA CYS D 286 -10.64 -45.30 -11.05
C CYS D 286 -11.11 -44.64 -12.34
N TYR D 287 -10.43 -44.93 -13.46
CA TYR D 287 -10.82 -44.41 -14.75
C TYR D 287 -11.38 -45.53 -15.61
N PRO D 288 -12.67 -45.50 -15.96
CA PRO D 288 -13.22 -46.56 -16.81
C PRO D 288 -12.69 -46.53 -18.24
N GLU D 289 -12.15 -45.40 -18.70
CA GLU D 289 -11.67 -45.26 -20.06
C GLU D 289 -10.22 -45.70 -20.23
N TYR D 290 -9.59 -46.20 -19.17
CA TYR D 290 -8.22 -46.64 -19.26
C TYR D 290 -8.13 -47.95 -20.03
N ALA D 291 -7.20 -48.02 -20.99
CA ALA D 291 -7.00 -49.21 -21.79
C ALA D 291 -5.58 -49.73 -21.80
N GLY D 292 -4.63 -49.02 -21.18
CA GLY D 292 -3.26 -49.46 -21.16
C GLY D 292 -3.02 -50.56 -20.15
N SER D 293 -1.78 -51.03 -20.11
CA SER D 293 -1.41 -52.11 -19.20
C SER D 293 -1.32 -51.61 -17.77
N ASN D 294 -1.30 -52.57 -16.84
CA ASN D 294 -1.21 -52.27 -15.41
C ASN D 294 0.23 -52.27 -14.94
N THR D 295 1.06 -51.49 -15.62
CA THR D 295 2.44 -51.27 -15.22
C THR D 295 2.54 -49.93 -14.51
N TYR D 296 3.71 -49.69 -13.90
CA TYR D 296 3.90 -48.45 -13.15
C TYR D 296 4.00 -47.25 -14.08
N GLU D 297 4.82 -47.35 -15.13
CA GLU D 297 5.14 -46.18 -15.93
C GLU D 297 3.97 -45.76 -16.82
N GLU D 298 3.25 -46.74 -17.39
CA GLU D 298 2.13 -46.41 -18.27
C GLU D 298 0.96 -45.81 -17.50
N ALA D 299 0.61 -46.41 -16.36
CA ALA D 299 -0.46 -45.88 -15.53
C ALA D 299 -0.09 -44.53 -14.93
N ALA D 300 1.17 -44.37 -14.51
CA ALA D 300 1.63 -43.11 -13.95
C ALA D 300 1.60 -41.99 -14.99
N ALA D 301 2.06 -42.28 -16.22
CA ALA D 301 1.99 -41.28 -17.28
C ALA D 301 0.55 -41.00 -17.69
N TYR D 302 -0.32 -42.02 -17.62
CA TYR D 302 -1.72 -41.82 -17.95
C TYR D 302 -2.40 -40.89 -16.95
N ILE D 303 -2.20 -41.11 -15.66
CA ILE D 303 -2.84 -40.22 -14.67
C ILE D 303 -2.15 -38.88 -14.63
N GLN D 304 -0.87 -38.81 -15.00
CA GLN D 304 -0.18 -37.53 -15.15
C GLN D 304 -0.82 -36.69 -16.24
N CYS D 305 -1.04 -37.29 -17.42
CA CYS D 305 -1.77 -36.60 -18.49
C CYS D 305 -3.22 -36.34 -18.11
N GLN D 306 -3.81 -37.22 -17.31
CA GLN D 306 -5.15 -37.01 -16.78
C GLN D 306 -5.22 -35.88 -15.79
N PHE D 307 -4.09 -35.44 -15.23
CA PHE D 307 -4.09 -34.18 -14.51
C PHE D 307 -3.78 -32.97 -15.38
N GLU D 308 -2.87 -33.08 -16.37
CA GLU D 308 -2.63 -31.86 -17.14
C GLU D 308 -3.65 -31.60 -18.23
N ASP D 309 -4.59 -32.50 -18.50
CA ASP D 309 -5.59 -32.16 -19.50
C ASP D 309 -6.70 -31.27 -18.95
N LEU D 310 -6.70 -30.98 -17.64
CA LEU D 310 -7.71 -30.13 -17.03
C LEU D 310 -7.45 -28.66 -17.28
N ASN D 311 -6.18 -28.28 -17.45
CA ASN D 311 -5.80 -26.89 -17.68
C ASN D 311 -6.50 -26.36 -18.92
N LYS D 312 -7.15 -25.20 -18.79
CA LYS D 312 -7.79 -24.57 -19.93
C LYS D 312 -6.81 -23.67 -20.67
N ARG D 313 -6.14 -22.78 -19.93
CA ARG D 313 -5.23 -21.82 -20.55
C ARG D 313 -3.84 -22.43 -20.53
N LYS D 314 -3.60 -23.29 -21.52
CA LYS D 314 -2.31 -23.98 -21.64
C LYS D 314 -1.19 -23.00 -21.94
N ASP D 315 -1.50 -21.97 -22.74
CA ASP D 315 -0.52 -20.96 -23.12
C ASP D 315 -0.11 -20.10 -21.94
N THR D 316 -1.09 -19.60 -21.18
CA THR D 316 -0.84 -18.63 -20.12
C THR D 316 -0.05 -19.23 -18.96
N LYS D 317 -0.36 -20.45 -18.55
CA LYS D 317 0.28 -21.05 -17.38
C LYS D 317 0.89 -22.39 -17.76
N GLU D 318 1.98 -22.72 -17.09
CA GLU D 318 2.58 -24.03 -17.24
C GLU D 318 2.22 -24.89 -16.05
N ILE D 319 2.36 -26.20 -16.22
CA ILE D 319 2.19 -27.15 -15.13
C ILE D 319 3.43 -27.99 -15.09
N TYR D 320 4.20 -27.86 -14.03
CA TYR D 320 5.39 -28.65 -13.81
C TYR D 320 5.02 -29.86 -12.97
N THR D 321 5.58 -31.00 -13.32
CA THR D 321 5.17 -32.26 -12.70
C THR D 321 6.39 -33.02 -12.23
N HIS D 322 6.36 -33.44 -10.97
CA HIS D 322 7.45 -34.21 -10.40
C HIS D 322 6.87 -35.38 -9.62
N PHE D 323 7.58 -36.51 -9.66
CA PHE D 323 7.27 -37.66 -8.84
C PHE D 323 8.26 -37.67 -7.67
N THR D 324 7.76 -37.56 -6.46
CA THR D 324 8.63 -37.40 -5.31
C THR D 324 9.32 -38.71 -4.94
N CYS D 325 10.57 -38.60 -4.50
CA CYS D 325 11.35 -39.74 -4.08
C CYS D 325 11.87 -39.52 -2.67
N SER D 326 12.22 -40.63 -2.02
CA SER D 326 12.73 -40.58 -0.65
C SER D 326 14.15 -40.04 -0.57
N THR D 327 14.85 -39.93 -1.69
CA THR D 327 16.17 -39.32 -1.68
C THR D 327 16.07 -37.83 -1.40
N ASP D 328 17.07 -37.31 -0.71
CA ASP D 328 17.02 -35.92 -0.26
C ASP D 328 17.31 -34.96 -1.40
N THR D 329 16.83 -33.73 -1.21
CA THR D 329 17.10 -32.53 -2.02
C THR D 329 16.64 -32.61 -3.46
N LYS D 330 15.91 -33.65 -3.86
CA LYS D 330 15.40 -33.69 -5.22
C LYS D 330 14.19 -32.78 -5.38
N ASN D 331 13.28 -32.80 -4.40
CA ASN D 331 12.05 -32.03 -4.49
C ASN D 331 12.32 -30.54 -4.42
N VAL D 332 13.22 -30.12 -3.54
CA VAL D 332 13.54 -28.71 -3.43
C VAL D 332 14.32 -28.23 -4.66
N GLN D 333 15.10 -29.13 -5.28
CA GLN D 333 15.76 -28.78 -6.53
C GLN D 333 14.76 -28.59 -7.66
N PHE D 334 13.74 -29.45 -7.71
CA PHE D 334 12.69 -29.27 -8.71
C PHE D 334 11.91 -27.98 -8.49
N VAL D 335 11.61 -27.67 -7.23
CA VAL D 335 10.92 -26.42 -6.92
C VAL D 335 11.77 -25.23 -7.31
N PHE D 336 13.08 -25.30 -7.05
CA PHE D 336 14.00 -24.22 -7.39
C PHE D 336 14.11 -24.03 -8.91
N ASP D 337 14.19 -25.12 -9.67
CA ASP D 337 14.23 -25.01 -11.12
C ASP D 337 12.93 -24.48 -11.69
N ALA D 338 11.80 -24.91 -11.13
CA ALA D 338 10.50 -24.44 -11.60
C ALA D 338 10.31 -22.96 -11.31
N VAL D 339 10.70 -22.50 -10.12
CA VAL D 339 10.54 -21.08 -9.84
C VAL D 339 11.58 -20.24 -10.57
N THR D 340 12.74 -20.82 -10.92
CA THR D 340 13.68 -20.13 -11.80
C THR D 340 13.08 -19.92 -13.19
N ASP D 341 12.40 -20.94 -13.72
CA ASP D 341 11.72 -20.82 -15.00
C ASP D 341 10.57 -19.82 -14.94
N VAL D 342 9.84 -19.81 -13.82
CA VAL D 342 8.75 -18.86 -13.64
C VAL D 342 9.27 -17.43 -13.55
N ILE D 343 10.40 -17.24 -12.85
CA ILE D 343 11.01 -15.91 -12.72
C ILE D 343 11.53 -15.43 -14.07
N ILE D 344 12.11 -16.33 -14.87
CA ILE D 344 12.58 -15.99 -16.21
C ILE D 344 11.40 -15.59 -17.11
N LYS D 345 10.29 -16.32 -17.02
CA LYS D 345 9.11 -15.98 -17.79
C LYS D 345 8.50 -14.66 -17.36
N ASN D 346 8.55 -14.36 -16.05
CA ASN D 346 8.06 -13.08 -15.56
C ASN D 346 8.94 -11.93 -16.01
N ASN D 347 10.26 -12.16 -16.08
CA ASN D 347 11.17 -11.15 -16.60
C ASN D 347 10.94 -10.92 -18.10
N LEU D 348 10.63 -11.99 -18.83
CA LEU D 348 10.26 -11.85 -20.24
C LEU D 348 8.96 -11.07 -20.40
N LYS D 349 8.01 -11.29 -19.50
CA LYS D 349 6.76 -10.53 -19.52
C LYS D 349 6.98 -9.06 -19.22
N ASP D 350 7.84 -8.77 -18.24
CA ASP D 350 8.08 -7.38 -17.84
C ASP D 350 8.90 -6.63 -18.89
N CYS D 351 9.84 -7.33 -19.53
CA CYS D 351 10.69 -6.70 -20.52
C CYS D 351 10.00 -6.51 -21.86
N GLY D 352 8.81 -7.07 -22.05
CA GLY D 352 8.03 -6.87 -23.25
C GLY D 352 8.34 -7.82 -24.39
N LEU D 353 9.16 -8.84 -24.16
CA LEU D 353 9.43 -9.80 -25.22
C LEU D 353 8.24 -10.70 -25.47
N PHE D 354 7.54 -11.12 -24.41
CA PHE D 354 6.43 -12.03 -24.56
C PHE D 354 5.11 -11.27 -24.48
N MET E 40 5.85 15.08 -57.82
CA MET E 40 5.23 16.38 -57.60
C MET E 40 4.67 16.51 -56.18
N VAL E 41 3.36 16.27 -56.04
CA VAL E 41 2.70 16.42 -54.75
C VAL E 41 2.62 15.09 -54.00
N PHE E 42 3.03 13.99 -54.63
CA PHE E 42 2.93 12.68 -53.99
C PHE E 42 4.02 12.48 -52.94
N ILE E 43 5.20 13.07 -53.15
CA ILE E 43 6.31 12.95 -52.20
C ILE E 43 5.94 13.57 -50.86
N ALA E 44 5.44 14.81 -50.89
CA ALA E 44 5.07 15.54 -49.68
C ALA E 44 3.92 14.86 -48.95
N THR E 45 2.97 14.28 -49.68
CA THR E 45 1.85 13.57 -49.05
C THR E 45 2.32 12.32 -48.31
N VAL E 46 3.22 11.55 -48.91
CA VAL E 46 3.73 10.31 -48.28
C VAL E 46 4.57 10.65 -47.04
N THR E 47 5.47 11.63 -47.18
CA THR E 47 6.33 12.02 -46.07
C THR E 47 5.53 12.65 -44.93
N GLY E 48 4.52 13.46 -45.26
CA GLY E 48 3.68 14.05 -44.22
C GLY E 48 2.84 13.02 -43.48
N SER E 49 2.34 12.02 -44.21
CA SER E 49 1.58 10.93 -43.59
C SER E 49 2.46 10.09 -42.67
N LEU E 50 3.70 9.81 -43.09
CA LEU E 50 4.61 9.01 -42.28
C LEU E 50 5.05 9.75 -41.03
N SER E 51 5.24 11.07 -41.14
CA SER E 51 5.57 11.88 -39.97
C SER E 51 4.39 11.95 -39.01
N LEU E 52 3.16 12.00 -39.55
CA LEU E 52 1.96 11.99 -38.71
C LEU E 52 1.83 10.68 -37.94
N VAL E 53 2.09 9.55 -38.59
CA VAL E 53 2.09 8.25 -37.92
C VAL E 53 3.13 8.18 -36.81
N THR E 54 4.32 8.75 -37.05
CA THR E 54 5.38 8.77 -36.06
C THR E 54 4.99 9.52 -34.79
N VAL E 55 4.45 10.74 -34.93
CA VAL E 55 4.18 11.54 -33.73
C VAL E 55 2.96 11.02 -32.97
N VAL E 56 1.97 10.46 -33.67
CA VAL E 56 0.80 9.90 -32.98
C VAL E 56 1.17 8.61 -32.25
N GLY E 57 2.02 7.79 -32.87
CA GLY E 57 2.50 6.57 -32.22
C GLY E 57 3.32 6.82 -30.97
N ASN E 58 4.22 7.80 -31.01
CA ASN E 58 5.06 8.08 -29.85
C ASN E 58 4.29 8.69 -28.69
N ILE E 59 3.35 9.60 -28.97
CA ILE E 59 2.56 10.17 -27.87
C ILE E 59 1.59 9.15 -27.29
N LEU E 60 1.17 8.16 -28.07
CA LEU E 60 0.32 7.11 -27.52
C LEU E 60 1.12 6.20 -26.59
N VAL E 61 2.39 5.98 -26.88
CA VAL E 61 3.27 5.27 -25.95
C VAL E 61 3.43 6.08 -24.67
N MET E 62 3.61 7.40 -24.80
CA MET E 62 3.73 8.29 -23.64
C MET E 62 2.46 8.31 -22.81
N LEU E 63 1.30 8.39 -23.47
CA LEU E 63 0.04 8.39 -22.72
C LEU E 63 -0.30 7.02 -22.14
N SER E 64 0.23 5.94 -22.71
CA SER E 64 -0.01 4.63 -22.13
C SER E 64 0.76 4.45 -20.83
N ILE E 65 1.99 4.94 -20.78
CA ILE E 65 2.75 4.90 -19.53
C ILE E 65 2.17 5.88 -18.52
N LYS E 66 1.71 7.05 -18.98
CA LYS E 66 1.21 8.07 -18.07
C LYS E 66 -0.13 7.65 -17.45
N VAL E 67 -1.07 7.19 -18.26
CA VAL E 67 -2.42 6.95 -17.75
C VAL E 67 -2.49 5.60 -17.04
N ASN E 68 -2.01 4.54 -17.68
CA ASN E 68 -2.10 3.21 -17.11
C ASN E 68 -1.04 3.04 -16.03
N ARG E 69 -1.48 2.81 -14.79
CA ARG E 69 -0.54 2.64 -13.69
C ARG E 69 0.17 1.30 -13.74
N GLN E 70 -0.39 0.33 -14.47
CA GLN E 70 0.26 -0.97 -14.62
C GLN E 70 1.48 -0.91 -15.54
N LEU E 71 1.57 0.13 -16.37
CA LEU E 71 2.70 0.30 -17.27
C LEU E 71 3.79 1.17 -16.67
N GLN E 72 3.61 1.66 -15.45
CA GLN E 72 4.61 2.50 -14.79
C GLN E 72 5.64 1.58 -14.15
N THR E 73 6.52 1.07 -15.00
CA THR E 73 7.50 0.06 -14.62
C THR E 73 8.88 0.61 -14.93
N VAL E 74 9.90 0.13 -14.20
CA VAL E 74 11.28 0.53 -14.44
C VAL E 74 11.71 0.18 -15.85
N ASN E 75 11.22 -0.94 -16.39
CA ASN E 75 11.53 -1.32 -17.75
C ASN E 75 10.87 -0.42 -18.78
N ASN E 76 9.76 0.24 -18.43
CA ASN E 76 9.09 1.12 -19.36
C ASN E 76 9.63 2.55 -19.34
N TYR E 77 10.50 2.89 -18.38
CA TYR E 77 11.14 4.19 -18.42
C TYR E 77 12.13 4.28 -19.57
N PHE E 78 12.72 3.15 -19.95
CA PHE E 78 13.59 3.13 -21.12
C PHE E 78 12.78 3.31 -22.39
N LEU E 79 11.57 2.75 -22.44
CA LEU E 79 10.68 2.96 -23.58
C LEU E 79 10.19 4.40 -23.63
N PHE E 80 10.02 5.05 -22.48
CA PHE E 80 9.68 6.48 -22.49
C PHE E 80 10.84 7.31 -23.00
N SER E 81 12.07 6.94 -22.63
CA SER E 81 13.26 7.63 -23.12
C SER E 81 13.44 7.44 -24.62
N LEU E 82 12.98 6.32 -25.16
CA LEU E 82 13.06 6.07 -26.60
C LEU E 82 11.95 6.80 -27.34
N ALA E 83 10.76 6.88 -26.74
CA ALA E 83 9.64 7.62 -27.34
C ALA E 83 9.94 9.11 -27.45
N CYS E 84 10.69 9.66 -26.49
CA CYS E 84 11.06 11.08 -26.54
C CYS E 84 11.95 11.40 -27.73
N ALA E 85 12.97 10.57 -27.98
CA ALA E 85 13.83 10.76 -29.15
C ALA E 85 13.07 10.63 -30.45
N ASP E 86 12.19 9.64 -30.56
CA ASP E 86 11.43 9.42 -31.78
C ASP E 86 10.37 10.49 -32.01
N LEU E 87 9.83 11.08 -30.93
CA LEU E 87 8.91 12.19 -31.11
C LEU E 87 9.61 13.42 -31.64
N ILE E 88 10.82 13.70 -31.15
CA ILE E 88 11.64 14.81 -31.65
C ILE E 88 11.99 14.59 -33.12
N ILE E 89 12.36 13.35 -33.46
CA ILE E 89 12.72 13.01 -34.85
C ILE E 89 11.52 13.14 -35.77
N GLY E 90 10.36 12.61 -35.35
CA GLY E 90 9.18 12.66 -36.20
C GLY E 90 8.53 14.03 -36.29
N ALA E 91 8.82 14.93 -35.36
CA ALA E 91 8.23 16.26 -35.41
C ALA E 91 9.07 17.25 -36.20
N PHE E 92 10.37 17.31 -35.95
CA PHE E 92 11.22 18.34 -36.54
C PHE E 92 12.24 17.82 -37.53
N SER E 93 12.79 16.62 -37.32
CA SER E 93 13.84 16.14 -38.22
C SER E 93 13.25 15.75 -39.58
N MET E 94 12.11 15.06 -39.57
CA MET E 94 11.50 14.60 -40.82
C MET E 94 11.02 15.76 -41.67
N ASN E 95 10.41 16.76 -41.04
CA ASN E 95 9.73 17.82 -41.79
C ASN E 95 10.73 18.79 -42.43
N LEU E 96 11.82 19.08 -41.73
CA LEU E 96 12.85 19.95 -42.29
C LEU E 96 13.61 19.29 -43.44
N TYR E 97 13.88 17.99 -43.32
CA TYR E 97 14.57 17.31 -44.41
C TYR E 97 13.69 17.07 -45.63
N THR E 98 12.38 16.89 -45.46
CA THR E 98 11.52 16.74 -46.64
C THR E 98 11.32 18.05 -47.40
N VAL E 99 11.30 19.21 -46.73
CA VAL E 99 11.21 20.46 -47.48
C VAL E 99 12.55 20.75 -48.16
N TYR E 100 13.65 20.28 -47.58
CA TYR E 100 14.96 20.33 -48.23
C TYR E 100 14.98 19.53 -49.53
N ILE E 101 14.32 18.37 -49.56
CA ILE E 101 14.28 17.55 -50.77
C ILE E 101 13.42 18.21 -51.85
N ILE E 102 12.23 18.70 -51.48
CA ILE E 102 11.30 19.19 -52.49
C ILE E 102 11.69 20.58 -53.00
N LYS E 103 12.61 21.27 -52.34
CA LYS E 103 13.15 22.52 -52.85
C LYS E 103 14.55 22.40 -53.41
N GLY E 104 15.35 21.45 -52.91
CA GLY E 104 16.68 21.22 -53.41
C GLY E 104 17.77 22.05 -52.75
N TYR E 105 17.45 23.26 -52.32
CA TYR E 105 18.39 24.15 -51.65
C TYR E 105 17.90 24.44 -50.25
N TRP E 106 18.82 24.35 -49.29
CA TRP E 106 18.52 24.73 -47.91
C TRP E 106 18.27 26.22 -47.82
N PRO E 107 17.07 26.66 -47.41
CA PRO E 107 16.77 28.10 -47.46
C PRO E 107 16.97 28.85 -46.15
N LEU E 108 17.20 28.14 -45.05
CA LEU E 108 17.18 28.81 -43.75
C LEU E 108 18.48 29.53 -43.43
N GLY E 109 19.62 29.03 -43.89
CA GLY E 109 20.88 29.67 -43.64
C GLY E 109 21.90 28.69 -43.12
N ALA E 110 23.04 29.21 -42.66
CA ALA E 110 24.14 28.35 -42.25
C ALA E 110 24.13 28.06 -40.76
N VAL E 111 23.80 29.06 -39.93
CA VAL E 111 23.67 28.85 -38.49
C VAL E 111 22.58 27.83 -38.17
N VAL E 112 21.38 27.99 -38.77
CA VAL E 112 20.28 27.06 -38.59
C VAL E 112 20.63 25.68 -39.12
N CYS E 113 21.43 25.60 -40.18
CA CYS E 113 21.88 24.32 -40.72
C CYS E 113 22.75 23.57 -39.71
N ASP E 114 23.69 24.24 -39.05
CA ASP E 114 24.56 23.55 -38.11
C ASP E 114 23.85 23.23 -36.80
N LEU E 115 22.87 24.04 -36.40
CA LEU E 115 22.10 23.73 -35.20
C LEU E 115 21.19 22.51 -35.41
N TRP E 116 20.51 22.43 -36.55
CA TRP E 116 19.59 21.33 -36.77
C TRP E 116 20.34 20.02 -37.07
N LEU E 117 21.54 20.12 -37.64
CA LEU E 117 22.39 18.94 -37.77
C LEU E 117 22.89 18.46 -36.42
N ALA E 118 23.22 19.40 -35.53
CA ALA E 118 23.61 19.01 -34.18
C ALA E 118 22.46 18.33 -33.45
N LEU E 119 21.26 18.90 -33.56
CA LEU E 119 20.06 18.34 -32.92
C LEU E 119 19.70 16.96 -33.46
N ASP E 120 19.70 16.81 -34.79
CA ASP E 120 19.28 15.56 -35.43
C ASP E 120 20.22 14.42 -35.12
N TYR E 121 21.53 14.63 -35.28
CA TYR E 121 22.49 13.56 -35.03
C TYR E 121 22.58 13.17 -33.56
N VAL E 122 22.44 14.14 -32.64
CA VAL E 122 22.50 13.82 -31.22
C VAL E 122 21.29 12.96 -30.81
N VAL E 123 20.08 13.33 -31.25
CA VAL E 123 18.91 12.55 -30.88
C VAL E 123 18.85 11.23 -31.63
N SER E 124 19.49 11.12 -32.79
CA SER E 124 19.49 9.85 -33.50
C SER E 124 20.44 8.87 -32.84
N ASN E 125 21.61 9.35 -32.42
CA ASN E 125 22.51 8.51 -31.65
C ASN E 125 21.94 8.19 -30.27
N ALA E 126 21.15 9.10 -29.71
CA ALA E 126 20.45 8.84 -28.45
C ALA E 126 19.45 7.70 -28.60
N SER E 127 18.72 7.69 -29.72
CA SER E 127 17.81 6.59 -30.04
C SER E 127 18.54 5.26 -30.11
N VAL E 128 19.67 5.20 -30.83
CA VAL E 128 20.47 3.98 -30.93
C VAL E 128 20.98 3.54 -29.57
N MET E 129 21.47 4.49 -28.76
CA MET E 129 21.93 4.15 -27.42
C MET E 129 20.80 3.72 -26.51
N ASN E 130 19.58 4.24 -26.73
CA ASN E 130 18.43 3.72 -26.00
C ASN E 130 18.15 2.27 -26.34
N LEU E 131 18.22 1.93 -27.63
CA LEU E 131 18.11 0.53 -28.05
C LEU E 131 19.20 -0.34 -27.46
N LEU E 132 20.40 0.22 -27.28
CA LEU E 132 21.51 -0.56 -26.76
C LEU E 132 21.42 -0.79 -25.25
N ILE E 133 20.89 0.17 -24.50
CA ILE E 133 20.70 -0.07 -23.07
C ILE E 133 19.45 -0.90 -22.79
N ILE E 134 18.52 -1.01 -23.75
CA ILE E 134 17.40 -1.92 -23.59
C ILE E 134 17.83 -3.35 -23.83
N SER E 135 18.72 -3.55 -24.81
CA SER E 135 19.32 -4.86 -25.03
C SER E 135 20.14 -5.31 -23.83
N PHE E 136 20.89 -4.40 -23.21
CA PHE E 136 21.65 -4.74 -22.01
C PHE E 136 20.74 -5.04 -20.83
N ASP E 137 19.64 -4.28 -20.69
CA ASP E 137 18.67 -4.53 -19.63
C ASP E 137 18.03 -5.91 -19.78
N ARG E 138 17.63 -6.25 -21.00
CA ARG E 138 16.99 -7.53 -21.26
C ARG E 138 17.97 -8.69 -21.12
N TYR E 139 19.22 -8.50 -21.53
CA TYR E 139 20.22 -9.56 -21.38
C TYR E 139 20.51 -9.88 -19.93
N PHE E 140 20.63 -8.88 -19.08
CA PHE E 140 20.91 -9.13 -17.68
C PHE E 140 19.69 -9.62 -16.91
N CYS E 141 18.48 -9.31 -17.38
CA CYS E 141 17.30 -9.88 -16.74
C CYS E 141 17.12 -11.35 -17.07
N VAL E 142 17.52 -11.78 -18.26
CA VAL E 142 17.38 -13.19 -18.62
C VAL E 142 18.54 -14.00 -18.05
N THR E 143 19.77 -13.52 -18.22
CA THR E 143 20.94 -14.29 -17.78
C THR E 143 21.07 -14.29 -16.27
N LYS E 144 20.69 -13.19 -15.61
CA LYS E 144 20.75 -13.07 -14.16
C LYS E 144 19.34 -12.72 -13.69
N PRO E 145 18.43 -13.70 -13.63
CA PRO E 145 17.05 -13.39 -13.27
C PRO E 145 16.82 -13.22 -11.78
N LEU E 146 17.73 -13.70 -10.95
CA LEU E 146 17.58 -13.64 -9.50
C LEU E 146 18.18 -12.37 -8.90
N THR E 147 19.27 -11.89 -9.47
CA THR E 147 20.04 -10.79 -8.89
C THR E 147 19.76 -9.45 -9.57
N TYR E 148 19.78 -9.41 -10.90
CA TYR E 148 19.72 -8.13 -11.62
C TYR E 148 18.43 -7.32 -11.46
N PRO E 149 17.20 -7.88 -11.49
CA PRO E 149 16.02 -7.02 -11.23
C PRO E 149 16.01 -6.42 -9.83
N ALA E 150 16.64 -7.08 -8.86
CA ALA E 150 16.79 -6.49 -7.53
C ALA E 150 17.78 -5.34 -7.54
N ARG E 151 18.84 -5.45 -8.34
CA ARG E 151 19.88 -4.41 -8.33
C ARG E 151 19.50 -3.19 -9.16
N ARG E 152 18.68 -3.36 -10.20
CA ARG E 152 18.25 -2.25 -11.02
C ARG E 152 17.10 -1.51 -10.34
N THR E 153 17.32 -0.25 -9.99
CA THR E 153 16.28 0.58 -9.41
C THR E 153 15.99 1.75 -10.36
N THR E 154 15.14 2.67 -9.91
CA THR E 154 14.86 3.84 -10.74
C THR E 154 16.05 4.80 -10.81
N LYS E 155 16.88 4.83 -9.76
CA LYS E 155 18.08 5.68 -9.81
C LYS E 155 19.08 5.13 -10.83
N MET E 156 19.26 3.81 -10.88
CA MET E 156 20.21 3.21 -11.80
C MET E 156 19.67 3.21 -13.22
N ALA E 157 18.34 3.21 -13.37
CA ALA E 157 17.74 3.32 -14.69
C ALA E 157 17.88 4.75 -15.22
N GLY E 158 17.67 5.74 -14.35
CA GLY E 158 17.93 7.12 -14.72
C GLY E 158 19.39 7.39 -15.03
N LEU E 159 20.29 6.71 -14.31
CA LEU E 159 21.72 6.81 -14.59
C LEU E 159 22.05 6.26 -15.98
N MET E 160 21.43 5.15 -16.36
CA MET E 160 21.62 4.59 -17.69
C MET E 160 21.08 5.51 -18.78
N ILE E 161 19.90 6.09 -18.56
CA ILE E 161 19.29 6.99 -19.54
C ILE E 161 20.14 8.23 -19.73
N ALA E 162 20.59 8.83 -18.61
CA ALA E 162 21.44 10.01 -18.68
C ALA E 162 22.79 9.71 -19.31
N ALA E 163 23.38 8.54 -19.02
CA ALA E 163 24.67 8.17 -19.61
C ALA E 163 24.56 8.00 -21.13
N ALA E 164 23.46 7.43 -21.61
CA ALA E 164 23.28 7.23 -23.04
C ALA E 164 23.07 8.55 -23.77
N TRP E 165 22.34 9.49 -23.16
CA TRP E 165 22.07 10.77 -23.80
C TRP E 165 23.31 11.66 -23.88
N VAL E 166 24.04 11.79 -22.76
CA VAL E 166 25.28 12.57 -22.77
C VAL E 166 26.34 11.97 -23.70
N LEU E 167 26.40 10.63 -23.82
CA LEU E 167 27.37 10.02 -24.72
C LEU E 167 27.05 10.35 -26.17
N SER E 168 25.77 10.35 -26.54
CA SER E 168 25.36 10.77 -27.87
C SER E 168 25.69 12.25 -28.11
N PHE E 169 25.43 13.09 -27.10
CA PHE E 169 25.69 14.53 -27.22
C PHE E 169 27.18 14.81 -27.36
N VAL E 170 28.01 14.14 -26.56
CA VAL E 170 29.46 14.33 -26.62
C VAL E 170 30.02 13.85 -27.96
N LEU E 171 29.49 12.72 -28.47
CA LEU E 171 29.98 12.18 -29.73
C LEU E 171 29.66 13.07 -30.92
N TRP E 172 28.47 13.65 -30.97
CA TRP E 172 28.06 14.36 -32.19
C TRP E 172 28.09 15.88 -32.11
N ALA E 173 27.71 16.48 -30.99
CA ALA E 173 27.51 17.94 -31.01
C ALA E 173 28.80 18.76 -31.03
N PRO E 174 29.87 18.48 -30.24
CA PRO E 174 31.10 19.27 -30.40
C PRO E 174 31.75 19.16 -31.77
N ALA E 175 31.69 17.99 -32.40
CA ALA E 175 32.26 17.81 -33.74
C ALA E 175 31.54 18.66 -34.78
N ILE E 176 30.20 18.63 -34.78
CA ILE E 176 29.42 19.28 -35.82
C ILE E 176 29.51 20.80 -35.73
N LEU E 177 29.57 21.33 -34.51
CA LEU E 177 29.54 22.78 -34.31
C LEU E 177 30.92 23.44 -34.22
N PHE E 178 32.01 22.68 -34.09
CA PHE E 178 33.32 23.30 -33.95
C PHE E 178 34.22 23.13 -35.17
N TRP E 179 34.05 22.03 -35.92
CA TRP E 179 34.83 21.70 -37.13
C TRP E 179 35.13 22.88 -38.05
N GLN E 180 34.09 23.63 -38.45
CA GLN E 180 34.28 24.80 -39.31
C GLN E 180 35.18 25.87 -38.67
N PHE E 181 35.23 25.92 -37.34
CA PHE E 181 36.04 26.90 -36.64
C PHE E 181 37.49 26.44 -36.47
N VAL E 182 37.68 25.23 -35.95
CA VAL E 182 39.04 24.73 -35.68
C VAL E 182 39.84 24.59 -36.99
N VAL E 183 39.20 24.07 -38.04
CA VAL E 183 39.82 24.01 -39.36
C VAL E 183 40.05 25.42 -39.89
N GLY E 184 39.07 26.30 -39.69
CA GLY E 184 39.15 27.66 -40.17
C GLY E 184 38.41 27.92 -41.45
N LYS E 185 37.86 26.87 -42.07
CA LYS E 185 37.16 26.98 -43.34
C LYS E 185 35.73 26.45 -43.19
N ARG E 186 34.86 26.91 -44.08
CA ARG E 186 33.52 26.35 -44.21
C ARG E 186 33.47 25.67 -45.58
N THR E 187 33.59 24.34 -45.58
CA THR E 187 33.54 23.59 -46.82
C THR E 187 32.12 23.54 -47.36
N VAL E 188 31.14 23.48 -46.47
CA VAL E 188 29.73 23.36 -46.85
C VAL E 188 29.27 24.64 -47.54
N PRO E 189 28.66 24.57 -48.71
CA PRO E 189 28.15 25.79 -49.37
C PRO E 189 26.95 26.36 -48.63
N ASP E 190 26.62 27.60 -48.99
CA ASP E 190 25.47 28.28 -48.39
C ASP E 190 24.17 27.56 -48.72
N ASN E 191 23.96 27.20 -49.99
CA ASN E 191 22.71 26.59 -50.42
C ASN E 191 22.55 25.17 -49.90
N GLN E 192 23.64 24.44 -49.69
CA GLN E 192 23.55 23.05 -49.28
C GLN E 192 23.75 22.93 -47.78
N CYS E 193 23.15 21.92 -47.18
CA CYS E 193 23.25 21.69 -45.75
C CYS E 193 23.59 20.24 -45.49
N PHE E 194 24.78 19.99 -44.94
CA PHE E 194 25.28 18.64 -44.69
C PHE E 194 26.50 18.72 -43.78
N ILE E 195 26.99 17.55 -43.38
CA ILE E 195 28.10 17.42 -42.43
C ILE E 195 29.39 17.86 -43.10
N GLN E 196 30.17 18.69 -42.40
CA GLN E 196 31.40 19.22 -42.97
C GLN E 196 32.53 18.18 -42.97
N PHE E 197 32.62 17.33 -41.94
CA PHE E 197 33.76 16.46 -41.80
C PHE E 197 33.59 15.12 -42.52
N LEU E 198 32.65 15.03 -43.47
CA LEU E 198 32.55 13.82 -44.28
C LEU E 198 33.70 13.67 -45.27
N SER E 199 34.37 14.78 -45.62
CA SER E 199 35.49 14.69 -46.56
C SER E 199 36.71 14.03 -45.92
N ASN E 200 36.87 14.20 -44.62
CA ASN E 200 37.94 13.51 -43.89
C ASN E 200 37.55 12.06 -43.65
N PRO E 201 38.33 11.08 -44.12
CA PRO E 201 37.89 9.68 -44.05
C PRO E 201 38.05 9.05 -42.67
N ALA E 202 39.07 9.48 -41.92
CA ALA E 202 39.37 8.82 -40.64
C ALA E 202 38.32 9.12 -39.59
N VAL E 203 37.88 10.38 -39.49
CA VAL E 203 36.81 10.75 -38.56
C VAL E 203 35.50 10.08 -38.95
N THR E 204 35.26 9.91 -40.26
CA THR E 204 34.01 9.29 -40.72
C THR E 204 33.97 7.80 -40.40
N PHE E 205 35.10 7.10 -40.57
CA PHE E 205 35.21 5.70 -40.15
C PHE E 205 34.94 5.53 -38.66
N GLY E 206 35.64 6.29 -37.82
CA GLY E 206 35.49 6.12 -36.38
C GLY E 206 34.12 6.48 -35.84
N THR E 207 33.53 7.56 -36.36
CA THR E 207 32.23 8.01 -35.85
C THR E 207 31.10 7.09 -36.30
N ALA E 208 31.15 6.57 -37.53
CA ALA E 208 30.14 5.64 -38.00
C ALA E 208 30.21 4.29 -37.30
N ILE E 209 31.42 3.82 -36.98
CA ILE E 209 31.55 2.56 -36.25
C ILE E 209 31.03 2.71 -34.83
N ALA E 210 31.26 3.87 -34.21
CA ALA E 210 30.80 4.06 -32.85
C ALA E 210 29.33 4.41 -32.77
N ALA E 211 28.73 4.85 -33.88
CA ALA E 211 27.30 5.17 -33.88
C ALA E 211 26.43 3.99 -34.28
N PHE E 212 26.80 3.24 -35.31
CA PHE E 212 25.94 2.17 -35.81
C PHE E 212 26.59 0.80 -35.81
N TYR E 213 27.81 0.67 -36.33
CA TYR E 213 28.43 -0.64 -36.54
C TYR E 213 28.70 -1.38 -35.23
N LEU E 214 29.50 -0.79 -34.35
CA LEU E 214 29.71 -1.39 -33.03
C LEU E 214 28.42 -1.58 -32.22
N PRO E 215 27.49 -0.62 -32.11
CA PRO E 215 26.19 -0.93 -31.46
C PRO E 215 25.36 -2.04 -32.09
N VAL E 216 25.44 -2.29 -33.39
CA VAL E 216 24.58 -3.34 -33.93
C VAL E 216 25.24 -4.72 -33.79
N VAL E 217 26.57 -4.78 -33.72
CA VAL E 217 27.25 -6.04 -33.38
C VAL E 217 26.95 -6.44 -31.93
N ILE E 218 26.95 -5.48 -31.02
CA ILE E 218 26.68 -5.77 -29.61
C ILE E 218 25.23 -6.22 -29.41
N MET E 219 24.27 -5.56 -30.07
CA MET E 219 22.87 -5.98 -29.99
C MET E 219 22.64 -7.36 -30.60
N THR E 220 23.35 -7.69 -31.68
CA THR E 220 23.23 -9.00 -32.30
C THR E 220 23.70 -10.11 -31.37
N VAL E 221 24.86 -9.92 -30.72
CA VAL E 221 25.40 -10.92 -29.80
C VAL E 221 24.50 -11.07 -28.57
N LEU E 222 24.02 -9.96 -28.02
CA LEU E 222 23.17 -10.03 -26.83
C LEU E 222 21.82 -10.67 -27.12
N TYR E 223 21.21 -10.36 -28.26
CA TYR E 223 19.91 -10.94 -28.59
C TYR E 223 20.00 -12.40 -29.01
N ILE E 224 21.14 -12.81 -29.57
CA ILE E 224 21.36 -14.24 -29.80
C ILE E 224 21.38 -14.98 -28.47
N HIS E 225 22.08 -14.41 -27.48
CA HIS E 225 22.14 -15.02 -26.15
C HIS E 225 20.81 -14.93 -25.42
N ILE E 226 20.01 -13.89 -25.66
CA ILE E 226 18.69 -13.81 -25.03
C ILE E 226 17.76 -14.90 -25.54
N SER E 227 17.72 -15.09 -26.86
CA SER E 227 16.89 -16.16 -27.44
C SER E 227 17.41 -17.54 -27.05
N LEU E 228 18.73 -17.69 -26.93
CA LEU E 228 19.29 -18.97 -26.51
C LEU E 228 18.97 -19.29 -25.06
N ALA E 229 18.89 -18.27 -24.20
CA ALA E 229 18.68 -18.50 -22.77
C ALA E 229 17.22 -18.32 -22.36
N SER E 230 16.30 -18.22 -23.32
CA SER E 230 14.89 -18.03 -23.04
C SER E 230 14.12 -19.34 -23.04
N ARG E 231 14.74 -20.43 -23.49
CA ARG E 231 14.09 -21.72 -23.56
C ARG E 231 14.03 -22.37 -22.18
N SER E 232 13.03 -23.23 -21.99
CA SER E 232 12.84 -23.94 -20.75
C SER E 232 14.02 -24.85 -20.45
N ARG E 233 14.39 -24.95 -19.18
CA ARG E 233 15.46 -25.83 -18.74
C ARG E 233 14.99 -26.85 -17.70
N VAL E 234 13.74 -26.78 -17.26
CA VAL E 234 13.15 -27.68 -16.27
C VAL E 234 13.28 -29.16 -16.63
N ALA E 254 9.18 -24.46 -27.21
CA ALA E 254 7.75 -24.47 -27.42
C ALA E 254 7.28 -23.10 -27.91
N ALA E 255 6.15 -22.63 -27.36
CA ALA E 255 5.60 -21.34 -27.76
C ALA E 255 6.50 -20.19 -27.35
N ARG E 256 7.19 -20.32 -26.20
CA ARG E 256 8.01 -19.24 -25.65
C ARG E 256 9.16 -18.89 -26.59
N GLU E 257 9.95 -19.88 -26.99
CA GLU E 257 11.10 -19.65 -27.88
C GLU E 257 10.67 -19.09 -29.23
N ARG E 258 9.56 -19.58 -29.78
CA ARG E 258 9.06 -19.06 -31.06
C ARG E 258 8.66 -17.59 -30.95
N LYS E 259 7.88 -17.26 -29.92
CA LYS E 259 7.45 -15.87 -29.69
C LYS E 259 8.63 -14.94 -29.46
N VAL E 260 9.61 -15.35 -28.65
CA VAL E 260 10.78 -14.53 -28.35
C VAL E 260 11.64 -14.33 -29.59
N THR E 261 11.89 -15.40 -30.35
CA THR E 261 12.67 -15.30 -31.58
C THR E 261 11.98 -14.39 -32.60
N ARG E 262 10.65 -14.51 -32.71
CA ARG E 262 9.89 -13.64 -33.60
C ARG E 262 10.00 -12.18 -33.20
N THR E 263 9.90 -11.88 -31.90
CA THR E 263 10.09 -10.51 -31.42
C THR E 263 11.51 -10.01 -31.68
N ILE E 264 12.52 -10.85 -31.47
CA ILE E 264 13.91 -10.46 -31.64
C ILE E 264 14.24 -10.23 -33.11
N PHE E 265 13.76 -11.11 -33.98
CA PHE E 265 13.95 -10.93 -35.42
C PHE E 265 13.24 -9.68 -35.92
N ALA E 266 12.05 -9.38 -35.38
CA ALA E 266 11.32 -8.17 -35.74
C ALA E 266 12.12 -6.91 -35.42
N ILE E 267 12.62 -6.80 -34.18
CA ILE E 267 13.31 -5.58 -33.77
C ILE E 267 14.69 -5.46 -34.44
N LEU E 268 15.40 -6.58 -34.63
CA LEU E 268 16.74 -6.51 -35.21
C LEU E 268 16.71 -6.19 -36.71
N LEU E 269 15.77 -6.78 -37.45
CA LEU E 269 15.66 -6.46 -38.87
C LEU E 269 15.11 -5.06 -39.10
N ALA E 270 14.27 -4.56 -38.19
CA ALA E 270 13.76 -3.20 -38.33
C ALA E 270 14.87 -2.17 -38.20
N PHE E 271 15.76 -2.36 -37.23
CA PHE E 271 16.89 -1.45 -37.05
C PHE E 271 17.89 -1.56 -38.20
N ILE E 272 18.27 -2.78 -38.58
CA ILE E 272 19.28 -3.00 -39.61
C ILE E 272 18.84 -2.47 -40.98
N LEU E 273 17.62 -2.79 -41.41
CA LEU E 273 17.14 -2.33 -42.71
C LEU E 273 17.00 -0.82 -42.79
N THR E 274 16.45 -0.18 -41.77
CA THR E 274 16.28 1.26 -41.81
C THR E 274 17.58 2.04 -41.60
N TRP E 275 18.68 1.39 -41.22
CA TRP E 275 19.89 2.14 -40.92
C TRP E 275 21.11 1.77 -41.76
N THR E 276 21.24 0.53 -42.23
CA THR E 276 22.44 0.17 -42.97
C THR E 276 22.68 0.94 -44.28
N PRO E 277 21.67 1.30 -45.14
CA PRO E 277 22.02 2.04 -46.40
C PRO E 277 22.82 3.32 -46.22
N TYR E 278 22.36 4.21 -45.33
CA TYR E 278 23.03 5.48 -45.07
C TYR E 278 24.48 5.27 -44.64
N ASN E 279 24.71 4.32 -43.72
CA ASN E 279 26.05 4.07 -43.21
C ASN E 279 26.99 3.55 -44.30
N VAL E 280 26.54 2.62 -45.13
CA VAL E 280 27.43 2.15 -46.19
C VAL E 280 27.58 3.25 -47.24
N MET E 281 26.57 4.12 -47.40
CA MET E 281 26.67 5.26 -48.30
C MET E 281 27.69 6.29 -47.83
N VAL E 282 27.76 6.57 -46.53
CA VAL E 282 28.75 7.55 -46.08
C VAL E 282 30.16 6.97 -46.09
N LEU E 283 30.32 5.65 -45.96
CA LEU E 283 31.64 5.08 -46.05
C LEU E 283 32.17 4.97 -47.48
N VAL E 284 31.28 4.94 -48.48
CA VAL E 284 31.75 5.05 -49.86
C VAL E 284 31.80 6.49 -50.35
N ASN E 285 31.02 7.41 -49.76
CA ASN E 285 31.03 8.80 -50.17
C ASN E 285 32.39 9.44 -49.88
N THR E 286 32.97 9.14 -48.73
CA THR E 286 34.26 9.70 -48.33
C THR E 286 35.40 9.31 -49.28
N PHE E 287 35.26 8.20 -50.02
CA PHE E 287 36.23 7.80 -51.01
C PHE E 287 35.95 8.44 -52.36
N CYS E 288 34.69 8.40 -52.80
CA CYS E 288 34.28 9.00 -54.06
C CYS E 288 32.95 9.72 -53.84
N GLN E 289 33.00 11.05 -53.89
CA GLN E 289 31.80 11.86 -53.65
C GLN E 289 30.76 11.65 -54.74
N SER E 290 31.20 11.59 -56.00
CA SER E 290 30.32 11.51 -57.15
C SER E 290 29.70 10.14 -57.37
N CYS E 291 30.08 9.13 -56.57
CA CYS E 291 29.56 7.78 -56.76
C CYS E 291 28.07 7.69 -56.48
N ILE E 292 27.59 8.39 -55.46
CA ILE E 292 26.26 8.20 -54.91
C ILE E 292 25.36 9.29 -55.49
N PRO E 293 24.34 8.94 -56.26
CA PRO E 293 23.41 9.96 -56.78
C PRO E 293 22.66 10.69 -55.67
N ASP E 294 22.35 11.95 -55.96
CA ASP E 294 21.69 12.84 -55.00
C ASP E 294 20.35 12.30 -54.53
N THR E 295 19.54 11.76 -55.44
CA THR E 295 18.23 11.23 -55.07
C THR E 295 18.35 9.97 -54.21
N VAL E 296 19.31 9.08 -54.55
CA VAL E 296 19.68 7.95 -53.71
C VAL E 296 20.03 8.40 -52.29
N TRP E 297 20.89 9.41 -52.19
CA TRP E 297 21.28 9.98 -50.90
C TRP E 297 20.08 10.51 -50.13
N SER E 298 19.18 11.24 -50.81
CA SER E 298 17.99 11.79 -50.15
C SER E 298 17.10 10.69 -49.56
N ILE E 299 16.88 9.60 -50.28
CA ILE E 299 15.99 8.55 -49.76
C ILE E 299 16.70 7.70 -48.71
N GLY E 300 18.01 7.46 -48.90
CA GLY E 300 18.80 6.80 -47.87
C GLY E 300 18.89 7.58 -46.57
N TYR E 301 18.83 8.90 -46.65
CA TYR E 301 18.80 9.73 -45.45
C TYR E 301 17.46 9.61 -44.74
N TRP E 302 16.37 9.82 -45.48
CA TRP E 302 15.02 9.76 -44.92
C TRP E 302 14.68 8.37 -44.39
N LEU E 303 15.29 7.32 -44.94
CA LEU E 303 15.04 5.95 -44.50
C LEU E 303 15.35 5.76 -43.02
N CYS E 304 16.43 6.40 -42.54
CA CYS E 304 16.80 6.36 -41.12
C CYS E 304 15.67 6.82 -40.20
N TYR E 305 14.86 7.78 -40.66
CA TYR E 305 13.75 8.27 -39.85
C TYR E 305 12.64 7.24 -39.66
N VAL E 306 12.54 6.25 -40.56
CA VAL E 306 11.46 5.28 -40.54
C VAL E 306 11.56 4.38 -39.30
N ASN E 307 12.79 4.10 -38.84
CA ASN E 307 13.06 3.38 -37.59
C ASN E 307 12.31 3.98 -36.40
N SER E 308 12.28 5.30 -36.30
CA SER E 308 11.56 5.98 -35.22
C SER E 308 10.05 5.77 -35.32
N THR E 309 9.52 5.76 -36.55
CA THR E 309 8.10 5.51 -36.77
C THR E 309 7.67 4.13 -36.32
N ILE E 310 8.46 3.10 -36.63
CA ILE E 310 8.06 1.73 -36.36
C ILE E 310 8.60 1.23 -35.02
N ASN E 311 9.19 2.10 -34.22
CA ASN E 311 9.64 1.68 -32.88
C ASN E 311 8.50 1.42 -31.90
N PRO E 312 7.38 2.19 -31.88
CA PRO E 312 6.22 1.74 -31.07
C PRO E 312 5.73 0.33 -31.39
N ALA E 313 5.69 -0.03 -32.67
CA ALA E 313 5.12 -1.32 -33.06
C ALA E 313 5.99 -2.49 -32.62
N CYS E 314 7.31 -2.33 -32.69
CA CYS E 314 8.20 -3.43 -32.33
C CYS E 314 8.52 -3.49 -30.83
N TYR E 315 8.70 -2.34 -30.17
CA TYR E 315 9.00 -2.38 -28.74
C TYR E 315 7.77 -2.29 -27.84
N ALA E 316 6.84 -1.39 -28.12
CA ALA E 316 5.73 -1.22 -27.19
C ALA E 316 4.56 -2.15 -27.44
N LEU E 317 4.15 -2.34 -28.70
CA LEU E 317 2.92 -3.06 -28.98
C LEU E 317 3.04 -4.57 -28.86
N CYS E 318 4.25 -5.11 -28.66
CA CYS E 318 4.36 -6.53 -28.32
C CYS E 318 3.67 -6.85 -27.01
N ASN E 319 3.78 -5.97 -26.02
CA ASN E 319 3.09 -6.17 -24.75
C ASN E 319 1.59 -5.99 -24.95
N ALA E 320 0.81 -6.89 -24.35
CA ALA E 320 -0.63 -6.86 -24.51
C ALA E 320 -1.29 -5.76 -23.70
N THR E 321 -0.60 -5.23 -22.68
CA THR E 321 -1.17 -4.15 -21.89
C THR E 321 -1.17 -2.84 -22.66
N PHE E 322 -0.16 -2.63 -23.52
CA PHE E 322 -0.15 -1.47 -24.40
C PHE E 322 -1.26 -1.54 -25.44
N LYS E 323 -1.58 -2.75 -25.92
CA LYS E 323 -2.55 -2.89 -26.99
C LYS E 323 -3.96 -2.56 -26.53
N LYS E 324 -4.29 -2.85 -25.27
CA LYS E 324 -5.57 -2.43 -24.73
C LYS E 324 -5.61 -0.92 -24.51
N THR E 325 -4.46 -0.34 -24.15
CA THR E 325 -4.42 1.09 -23.88
C THR E 325 -4.48 1.90 -25.17
N PHE E 326 -3.86 1.39 -26.23
CA PHE E 326 -3.91 2.05 -27.54
C PHE E 326 -5.33 2.07 -28.09
N ARG E 327 -6.09 1.00 -27.88
CA ARG E 327 -7.46 0.93 -28.37
C ARG E 327 -8.41 1.86 -27.63
N HIS E 328 -8.04 2.27 -26.42
CA HIS E 328 -8.85 3.22 -25.66
C HIS E 328 -8.50 4.66 -25.99
N1 ACH F . 20.53 10.42 -39.63
C2 ACH F . 20.82 9.31 -38.71
C3 ACH F . 22.32 9.03 -38.60
O4 ACH F . 22.77 9.33 -37.28
C5 ACH F . 24.02 8.79 -36.78
O7 ACH F . 24.30 8.96 -35.61
C6 ACH F . 24.89 7.94 -37.67
C8 ACH F . 21.16 10.22 -40.94
C9 ACH F . 19.09 10.54 -39.80
C10 ACH F . 21.00 11.68 -39.02
#